data_7S5T
#
_entry.id   7S5T
#
_cell.length_a   1.00
_cell.length_b   1.00
_cell.length_c   1.00
_cell.angle_alpha   90.00
_cell.angle_beta   90.00
_cell.angle_gamma   90.00
#
_symmetry.space_group_name_H-M   'P 1'
#
loop_
_entity.id
_entity.type
_entity.pdbx_description
1 polymer 'ATP-sensitive inward rectifier potassium channel 11'
2 non-polymer 'POTASSIUM ION'
#
_entity_poly.entity_id   1
_entity_poly.type   'polypeptide(L)'
_entity_poly.pdbx_seq_one_letter_code
;MLSRKGIIPEEYVLTRLAEDPAKPRYRARQRRARFVSKKGNCNVAHKNIREQGRFLQDVFTTLVDLKWPHTLLIFTMSFL
CSWLLFAMAWWLIAFAHGDLAPSEGTAEPCVTSIHSFSSAFLFSIEVQVTIGFGGRMVTEECPLAILILIVQNIVGLMIN
AIMLGSIFMKTAQAHRRAETLIFSKHAVIALRHGRLCFMLRVGDLRKSMIISATIHMQVVRKTTSPEGEVVPLHQVDIPM
ENGVGGNSIFLVAPLIIYHVIDANSPLYDLAPSDLHHHQDLEIIVILEGVVETTGITTQARTSYLADEILWGQRFVPIVA
EEDGRYSVDYSKFDNTVKVPTPLCTARQLDEDHSLLEALTLASARGPLRKRSVPMAKAKPKFSISPDSLS
;
_entity_poly.pdbx_strand_id   A,B,C,D
#
# COMPACT_ATOMS: atom_id res chain seq x y z
N ARG A 32 -29.15 -18.19 17.29
CA ARG A 32 -29.08 -18.02 18.74
C ARG A 32 -27.73 -17.44 19.14
N ALA A 33 -26.72 -17.69 18.31
CA ALA A 33 -25.39 -17.12 18.50
C ALA A 33 -24.83 -16.81 17.12
N ARG A 34 -24.62 -15.52 16.84
CA ARG A 34 -24.28 -15.10 15.50
C ARG A 34 -22.78 -15.13 15.28
N PHE A 35 -22.39 -15.41 14.04
CA PHE A 35 -20.99 -15.47 13.66
C PHE A 35 -20.37 -14.08 13.65
N VAL A 36 -20.97 -13.15 12.91
CA VAL A 36 -20.52 -11.77 12.85
C VAL A 36 -21.60 -10.89 13.46
N SER A 37 -21.19 -9.90 14.24
CA SER A 37 -22.13 -8.94 14.79
C SER A 37 -22.61 -8.00 13.69
N LYS A 38 -23.61 -7.17 14.02
CA LYS A 38 -24.12 -6.21 13.05
C LYS A 38 -23.11 -5.11 12.74
N LYS A 39 -22.18 -4.86 13.65
CA LYS A 39 -21.14 -3.86 13.42
C LYS A 39 -19.88 -4.43 12.80
N GLY A 40 -19.80 -5.75 12.64
CA GLY A 40 -18.66 -6.38 12.02
C GLY A 40 -17.75 -7.14 12.95
N ASN A 41 -18.01 -7.13 14.26
CA ASN A 41 -17.18 -7.87 15.20
C ASN A 41 -17.47 -9.36 15.07
N CYS A 42 -16.41 -10.15 15.03
CA CYS A 42 -16.54 -11.60 14.90
C CYS A 42 -16.65 -12.23 16.28
N ASN A 43 -17.61 -13.13 16.44
CA ASN A 43 -17.85 -13.78 17.73
C ASN A 43 -17.14 -15.14 17.76
N VAL A 44 -15.81 -15.08 17.79
CA VAL A 44 -14.99 -16.27 17.87
C VAL A 44 -14.11 -16.18 19.12
N ALA A 45 -13.71 -17.33 19.63
CA ALA A 45 -13.04 -17.40 20.92
C ALA A 45 -11.55 -17.72 20.85
N HIS A 46 -11.14 -18.57 19.90
CA HIS A 46 -9.74 -19.00 19.73
C HIS A 46 -9.21 -19.67 20.99
N LYS A 47 -9.82 -20.80 21.33
CA LYS A 47 -9.43 -21.55 22.53
C LYS A 47 -8.22 -22.44 22.26
N ASN A 48 -7.42 -22.63 23.30
CA ASN A 48 -6.36 -23.63 23.37
C ASN A 48 -5.29 -23.43 22.29
N ILE A 49 -4.88 -22.19 22.10
CA ILE A 49 -3.78 -21.89 21.19
C ILE A 49 -2.50 -22.39 21.85
N ARG A 50 -1.99 -23.52 21.36
CA ARG A 50 -0.84 -24.15 22.00
C ARG A 50 0.47 -23.46 21.63
N GLU A 51 0.65 -23.17 20.34
CA GLU A 51 1.90 -22.61 19.83
C GLU A 51 1.92 -21.11 20.13
N GLN A 52 2.11 -20.78 21.40
CA GLN A 52 2.24 -19.39 21.80
C GLN A 52 3.60 -18.81 21.49
N GLY A 53 4.56 -19.64 21.09
CA GLY A 53 5.89 -19.16 20.79
C GLY A 53 5.99 -18.40 19.49
N ARG A 54 5.14 -18.72 18.52
CA ARG A 54 5.14 -17.99 17.25
C ARG A 54 4.50 -16.62 17.36
N PHE A 55 3.80 -16.33 18.47
CA PHE A 55 3.29 -14.99 18.68
C PHE A 55 4.41 -14.00 18.94
N LEU A 56 5.53 -14.48 19.46
CA LEU A 56 6.70 -13.64 19.70
C LEU A 56 7.60 -13.51 18.47
N GLN A 57 7.24 -14.17 17.37
CA GLN A 57 8.02 -14.04 16.15
C GLN A 57 7.61 -12.84 15.32
N ASP A 58 6.42 -12.30 15.55
CA ASP A 58 5.99 -11.03 14.95
C ASP A 58 5.60 -10.10 16.10
N VAL A 59 6.58 -9.41 16.66
CA VAL A 59 6.29 -8.53 17.78
C VAL A 59 5.58 -7.26 17.30
N PHE A 60 5.85 -6.83 16.07
CA PHE A 60 5.28 -5.60 15.56
C PHE A 60 3.78 -5.69 15.31
N THR A 61 3.31 -6.85 14.83
CA THR A 61 1.88 -7.03 14.62
C THR A 61 1.13 -6.99 15.95
N THR A 62 1.69 -7.62 16.98
CA THR A 62 1.11 -7.55 18.31
C THR A 62 1.18 -6.15 18.89
N LEU A 63 2.24 -5.40 18.57
CA LEU A 63 2.38 -4.05 19.09
C LEU A 63 1.34 -3.11 18.48
N VAL A 64 1.13 -3.20 17.17
CA VAL A 64 0.10 -2.39 16.52
C VAL A 64 -1.29 -2.87 16.94
N ASP A 65 -1.45 -4.18 17.14
CA ASP A 65 -2.73 -4.82 17.43
C ASP A 65 -3.25 -4.54 18.84
N LEU A 66 -2.57 -3.73 19.64
CA LEU A 66 -3.01 -3.49 21.00
C LEU A 66 -4.17 -2.49 21.04
N LYS A 67 -4.75 -2.36 22.23
CA LYS A 67 -5.70 -1.30 22.49
C LYS A 67 -4.97 0.03 22.64
N TRP A 68 -5.73 1.12 22.65
CA TRP A 68 -5.13 2.44 22.76
C TRP A 68 -4.54 2.76 24.13
N PRO A 69 -5.14 2.38 25.27
CA PRO A 69 -4.42 2.56 26.54
C PRO A 69 -3.12 1.78 26.62
N HIS A 70 -3.10 0.54 26.14
CA HIS A 70 -1.85 -0.21 26.12
C HIS A 70 -0.84 0.40 25.15
N THR A 71 -1.31 0.98 24.04
CA THR A 71 -0.40 1.59 23.10
C THR A 71 0.25 2.83 23.68
N LEU A 72 -0.55 3.70 24.32
CA LEU A 72 0.02 4.87 24.98
C LEU A 72 0.93 4.48 26.13
N LEU A 73 0.58 3.43 26.87
CA LEU A 73 1.41 2.97 27.97
C LEU A 73 2.75 2.46 27.49
N ILE A 74 2.76 1.65 26.43
CA ILE A 74 4.03 1.13 25.90
C ILE A 74 4.85 2.21 25.22
N PHE A 75 4.22 3.17 24.56
CA PHE A 75 4.93 4.33 24.01
C PHE A 75 5.66 5.10 25.11
N THR A 76 4.90 5.55 26.12
CA THR A 76 5.47 6.32 27.22
C THR A 76 6.50 5.52 27.98
N MET A 77 6.25 4.24 28.22
CA MET A 77 7.18 3.40 28.94
C MET A 77 8.45 3.13 28.18
N SER A 78 8.38 2.94 26.87
CA SER A 78 9.59 2.73 26.09
C SER A 78 10.48 3.96 26.12
N PHE A 79 9.89 5.14 25.89
CA PHE A 79 10.70 6.36 25.93
C PHE A 79 11.25 6.63 27.32
N LEU A 80 10.43 6.46 28.35
CA LEU A 80 10.85 6.79 29.71
C LEU A 80 11.89 5.81 30.22
N CYS A 81 11.74 4.52 29.93
CA CYS A 81 12.75 3.57 30.35
C CYS A 81 14.04 3.68 29.56
N SER A 82 13.99 4.08 28.30
CA SER A 82 15.25 4.37 27.60
C SER A 82 15.97 5.54 28.22
N TRP A 83 15.23 6.61 28.55
CA TRP A 83 15.83 7.75 29.24
C TRP A 83 16.38 7.35 30.61
N LEU A 84 15.67 6.50 31.34
CA LEU A 84 16.12 6.10 32.67
C LEU A 84 17.35 5.22 32.60
N LEU A 85 17.40 4.30 31.63
CA LEU A 85 18.56 3.43 31.48
C LEU A 85 19.81 4.23 31.12
N PHE A 86 19.69 5.14 30.15
CA PHE A 86 20.86 5.94 29.83
C PHE A 86 21.17 6.97 30.91
N ALA A 87 20.19 7.37 31.71
CA ALA A 87 20.45 8.21 32.86
C ALA A 87 21.27 7.49 33.90
N MET A 88 20.95 6.22 34.16
CA MET A 88 21.77 5.42 35.06
C MET A 88 23.16 5.21 34.51
N ALA A 89 23.29 5.09 33.18
CA ALA A 89 24.61 4.99 32.57
C ALA A 89 25.43 6.27 32.78
N TRP A 90 24.83 7.43 32.53
CA TRP A 90 25.53 8.70 32.73
C TRP A 90 25.87 8.90 34.20
N TRP A 91 24.99 8.47 35.11
CA TRP A 91 25.25 8.61 36.53
C TRP A 91 26.41 7.71 36.96
N LEU A 92 26.47 6.50 36.41
CA LEU A 92 27.59 5.61 36.73
C LEU A 92 28.90 6.16 36.18
N ILE A 93 28.87 6.79 35.00
CA ILE A 93 30.07 7.39 34.45
C ILE A 93 30.54 8.55 35.33
N ALA A 94 29.61 9.40 35.75
CA ALA A 94 29.98 10.53 36.60
C ALA A 94 30.45 10.07 37.97
N PHE A 95 29.92 8.93 38.45
CA PHE A 95 30.43 8.34 39.68
C PHE A 95 31.87 7.86 39.49
N ALA A 96 32.10 7.06 38.45
CA ALA A 96 33.40 6.40 38.28
C ALA A 96 34.50 7.42 37.99
N HIS A 97 34.15 8.53 37.35
CA HIS A 97 35.15 9.58 37.17
C HIS A 97 35.41 10.36 38.45
N GLY A 98 34.50 10.28 39.42
CA GLY A 98 34.62 11.09 40.62
C GLY A 98 34.05 12.47 40.50
N ASP A 99 33.08 12.68 39.61
CA ASP A 99 32.51 14.01 39.41
C ASP A 99 31.40 14.29 40.41
N LEU A 100 30.72 13.25 40.90
CA LEU A 100 29.67 13.44 41.89
C LEU A 100 30.22 13.91 43.22
N ALA A 101 31.45 13.56 43.53
CA ALA A 101 32.07 14.06 44.75
C ALA A 101 32.42 15.53 44.57
N PRO A 102 31.92 16.42 45.44
CA PRO A 102 32.19 17.85 45.28
C PRO A 102 33.59 18.28 45.65
N SER A 103 34.48 17.34 46.00
CA SER A 103 35.88 17.68 46.22
C SER A 103 36.55 17.98 44.89
N GLU A 104 36.45 19.23 44.44
CA GLU A 104 36.96 19.63 43.14
C GLU A 104 38.42 20.04 43.22
N GLY A 105 39.18 19.67 42.19
CA GLY A 105 40.53 20.17 42.00
C GLY A 105 40.57 21.11 40.82
N THR A 106 41.10 20.62 39.69
CA THR A 106 41.07 21.35 38.45
C THR A 106 40.66 20.52 37.25
N ALA A 107 40.53 19.20 37.40
CA ALA A 107 40.21 18.32 36.28
C ALA A 107 38.77 18.52 35.85
N GLU A 108 38.54 18.46 34.55
CA GLU A 108 37.21 18.69 34.02
C GLU A 108 36.41 17.38 34.03
N PRO A 109 35.10 17.46 34.24
CA PRO A 109 34.27 16.26 34.27
C PRO A 109 34.07 15.70 32.86
N CYS A 110 33.48 14.50 32.79
CA CYS A 110 33.06 13.98 31.50
C CYS A 110 31.86 14.77 30.99
N VAL A 111 30.86 14.95 31.82
CA VAL A 111 29.72 15.81 31.53
C VAL A 111 29.71 16.94 32.56
N THR A 112 29.56 18.17 32.10
CA THR A 112 29.61 19.32 32.98
C THR A 112 28.33 19.41 33.81
N SER A 113 28.50 19.92 35.04
CA SER A 113 27.40 20.25 35.96
C SER A 113 26.47 19.08 36.22
N ILE A 114 27.01 17.88 36.37
CA ILE A 114 26.25 16.73 36.85
C ILE A 114 26.68 16.46 38.28
N HIS A 115 25.75 16.56 39.22
CA HIS A 115 26.04 16.25 40.61
C HIS A 115 24.88 15.51 41.27
N SER A 116 23.96 14.94 40.50
CA SER A 116 22.83 14.22 41.05
C SER A 116 22.31 13.27 39.98
N PHE A 117 21.55 12.26 40.43
CA PHE A 117 20.86 11.42 39.48
C PHE A 117 19.78 12.19 38.74
N SER A 118 19.20 13.21 39.37
CA SER A 118 18.28 14.08 38.65
C SER A 118 19.00 14.85 37.57
N SER A 119 20.25 15.27 37.81
CA SER A 119 21.04 15.91 36.78
C SER A 119 21.34 14.94 35.64
N ALA A 120 21.69 13.70 35.97
CA ALA A 120 21.94 12.71 34.93
C ALA A 120 20.68 12.39 34.15
N PHE A 121 19.52 12.43 34.79
CA PHE A 121 18.26 12.16 34.11
C PHE A 121 17.88 13.30 33.17
N LEU A 122 18.04 14.53 33.63
CA LEU A 122 17.83 15.68 32.74
C LEU A 122 18.79 15.67 31.57
N PHE A 123 20.04 15.27 31.79
CA PHE A 123 20.99 15.19 30.70
C PHE A 123 20.66 14.09 29.72
N SER A 124 20.18 12.94 30.22
CA SER A 124 19.77 11.86 29.34
C SER A 124 18.56 12.25 28.50
N ILE A 125 17.61 12.98 29.10
CA ILE A 125 16.47 13.48 28.34
C ILE A 125 16.93 14.47 27.27
N GLU A 126 17.84 15.38 27.63
CA GLU A 126 18.36 16.34 26.66
C GLU A 126 19.11 15.67 25.52
N VAL A 127 19.79 14.56 25.79
CA VAL A 127 20.51 13.88 24.73
C VAL A 127 19.57 13.09 23.83
N GLN A 128 18.66 12.32 24.44
CA GLN A 128 17.81 11.44 23.65
C GLN A 128 16.74 12.20 22.88
N VAL A 129 16.11 13.21 23.48
CA VAL A 129 15.13 14.02 22.77
C VAL A 129 15.81 15.01 21.85
N THR A 130 17.13 15.16 21.97
CA THR A 130 17.95 16.11 21.22
C THR A 130 17.47 17.53 21.46
N ILE A 131 17.28 17.86 22.75
CA ILE A 131 17.03 19.23 23.14
C ILE A 131 18.35 19.99 23.28
N GLY A 132 19.22 19.51 24.16
CA GLY A 132 20.54 20.07 24.29
C GLY A 132 20.55 21.47 24.85
N PHE A 133 20.21 21.61 26.13
CA PHE A 133 20.23 22.94 26.75
C PHE A 133 21.65 23.48 26.87
N GLY A 134 22.59 22.64 27.28
CA GLY A 134 23.97 23.05 27.32
C GLY A 134 24.52 23.39 28.68
N GLY A 135 23.68 23.42 29.71
CA GLY A 135 24.20 23.48 31.06
C GLY A 135 24.93 22.21 31.42
N ARG A 136 24.50 21.09 30.86
CA ARG A 136 25.18 19.80 30.97
C ARG A 136 25.56 19.35 29.57
N MET A 137 26.85 19.43 29.25
CA MET A 137 27.33 19.04 27.94
C MET A 137 28.50 18.08 28.08
N VAL A 138 28.68 17.26 27.05
CA VAL A 138 29.76 16.27 27.05
C VAL A 138 31.07 17.01 26.80
N THR A 139 32.05 16.79 27.67
CA THR A 139 33.40 17.26 27.43
C THR A 139 34.24 16.11 26.87
N GLU A 140 35.44 16.45 26.42
CA GLU A 140 36.34 15.50 25.78
C GLU A 140 37.24 14.78 26.78
N GLU A 141 36.92 14.84 28.06
CA GLU A 141 37.77 14.23 29.07
C GLU A 141 37.56 12.73 29.16
N CYS A 142 36.31 12.29 29.13
CA CYS A 142 35.99 10.88 29.32
C CYS A 142 35.76 10.22 27.99
N PRO A 143 36.62 9.31 27.54
CA PRO A 143 36.36 8.61 26.27
C PRO A 143 35.22 7.62 26.36
N LEU A 144 34.87 7.15 27.55
CA LEU A 144 33.70 6.30 27.69
C LEU A 144 32.42 7.10 27.56
N ALA A 145 32.45 8.38 27.93
CA ALA A 145 31.27 9.22 27.77
C ALA A 145 30.92 9.44 26.31
N ILE A 146 31.92 9.52 25.44
CA ILE A 146 31.64 9.65 24.01
C ILE A 146 31.00 8.38 23.47
N LEU A 147 31.42 7.22 23.96
CA LEU A 147 30.81 5.96 23.55
C LEU A 147 29.37 5.87 24.05
N ILE A 148 29.12 6.31 25.29
CA ILE A 148 27.76 6.32 25.81
C ILE A 148 26.89 7.28 25.01
N LEU A 149 27.45 8.42 24.60
CA LEU A 149 26.69 9.38 23.78
C LEU A 149 26.36 8.78 22.42
N ILE A 150 27.30 8.08 21.81
CA ILE A 150 27.06 7.45 20.52
C ILE A 150 25.98 6.39 20.62
N VAL A 151 26.07 5.52 21.64
CA VAL A 151 25.09 4.46 21.82
C VAL A 151 23.72 5.04 22.12
N GLN A 152 23.67 6.10 22.95
CA GLN A 152 22.38 6.72 23.26
C GLN A 152 21.76 7.37 22.03
N ASN A 153 22.57 7.99 21.18
CA ASN A 153 22.02 8.59 19.97
C ASN A 153 21.51 7.54 19.00
N ILE A 154 22.23 6.42 18.87
CA ILE A 154 21.79 5.37 17.95
C ILE A 154 20.50 4.73 18.44
N VAL A 155 20.45 4.37 19.73
CA VAL A 155 19.25 3.75 20.28
C VAL A 155 18.09 4.74 20.30
N GLY A 156 18.36 6.02 20.51
CA GLY A 156 17.31 7.01 20.45
C GLY A 156 16.73 7.18 19.07
N LEU A 157 17.59 7.17 18.04
CA LEU A 157 17.09 7.24 16.67
C LEU A 157 16.27 6.01 16.31
N MET A 158 16.74 4.82 16.73
CA MET A 158 16.00 3.59 16.45
C MET A 158 14.65 3.58 17.15
N ILE A 159 14.62 3.96 18.43
CA ILE A 159 13.39 3.98 19.19
C ILE A 159 12.43 5.01 18.62
N ASN A 160 12.95 6.18 18.23
CA ASN A 160 12.13 7.21 17.62
C ASN A 160 11.48 6.72 16.34
N ALA A 161 12.26 6.09 15.46
CA ALA A 161 11.71 5.56 14.21
C ALA A 161 10.64 4.51 14.48
N ILE A 162 10.98 3.46 15.22
CA ILE A 162 10.07 2.34 15.44
C ILE A 162 8.83 2.74 16.23
N MET A 163 8.92 3.71 17.13
CA MET A 163 7.78 4.12 17.92
C MET A 163 6.88 5.11 17.19
N LEU A 164 7.46 6.14 16.56
CA LEU A 164 6.65 7.13 15.86
C LEU A 164 5.96 6.52 14.65
N GLY A 165 6.69 5.68 13.89
CA GLY A 165 6.06 5.01 12.76
C GLY A 165 4.95 4.07 13.20
N SER A 166 5.14 3.39 14.34
CA SER A 166 4.11 2.49 14.84
C SER A 166 2.87 3.26 15.29
N ILE A 167 3.07 4.40 15.95
CA ILE A 167 1.89 5.13 16.42
C ILE A 167 1.17 5.79 15.26
N PHE A 168 1.89 6.17 14.20
CA PHE A 168 1.21 6.73 13.04
C PHE A 168 0.47 5.64 12.27
N MET A 169 1.08 4.46 12.15
CA MET A 169 0.40 3.33 11.52
C MET A 169 -0.81 2.89 12.32
N LYS A 170 -0.76 3.04 13.64
CA LYS A 170 -1.91 2.69 14.47
C LYS A 170 -3.03 3.70 14.30
N THR A 171 -2.72 4.99 14.34
CA THR A 171 -3.78 5.98 14.18
C THR A 171 -4.22 6.13 12.74
N ALA A 172 -3.53 5.51 11.79
CA ALA A 172 -3.87 5.65 10.38
C ALA A 172 -4.44 4.37 9.77
N GLN A 173 -4.66 3.32 10.55
CA GLN A 173 -5.18 2.09 9.98
C GLN A 173 -6.65 2.27 9.61
N ALA A 174 -7.06 1.57 8.56
CA ALA A 174 -8.31 1.85 7.87
C ALA A 174 -9.48 1.01 8.35
N HIS A 175 -9.33 0.28 9.45
CA HIS A 175 -10.46 -0.46 9.99
C HIS A 175 -11.49 0.44 10.66
N ARG A 176 -11.16 1.72 10.87
CA ARG A 176 -12.14 2.68 11.38
C ARG A 176 -12.98 3.29 10.27
N ARG A 177 -12.49 3.25 9.02
CA ARG A 177 -13.26 3.71 7.87
C ARG A 177 -14.55 2.92 7.71
N ALA A 178 -14.59 1.68 8.19
CA ALA A 178 -15.80 0.88 8.19
C ALA A 178 -16.91 1.46 9.04
N GLU A 179 -16.62 2.44 9.90
CA GLU A 179 -17.68 3.06 10.69
C GLU A 179 -18.60 3.92 9.82
N THR A 180 -18.09 4.44 8.71
CA THR A 180 -18.88 5.26 7.79
C THR A 180 -19.31 4.49 6.55
N LEU A 181 -19.31 3.16 6.62
CA LEU A 181 -19.85 2.32 5.56
C LEU A 181 -21.06 1.61 6.16
N ILE A 182 -22.24 2.13 5.89
CA ILE A 182 -23.43 1.60 6.53
C ILE A 182 -24.02 0.53 5.65
N PHE A 183 -24.68 -0.44 6.27
CA PHE A 183 -25.43 -1.45 5.56
C PHE A 183 -26.89 -1.32 5.92
N SER A 184 -27.73 -2.03 5.18
CA SER A 184 -29.14 -2.08 5.54
C SER A 184 -29.32 -2.88 6.83
N LYS A 185 -30.21 -2.38 7.68
CA LYS A 185 -30.47 -3.07 8.94
C LYS A 185 -31.20 -4.39 8.70
N HIS A 186 -32.06 -4.43 7.69
CA HIS A 186 -32.73 -5.64 7.27
C HIS A 186 -32.44 -5.88 5.79
N ALA A 187 -32.28 -7.14 5.42
CA ALA A 187 -32.22 -7.53 4.03
C ALA A 187 -33.56 -8.11 3.61
N VAL A 188 -33.82 -8.10 2.31
CA VAL A 188 -35.10 -8.54 1.79
C VAL A 188 -34.88 -9.66 0.78
N ILE A 189 -35.97 -10.35 0.48
CA ILE A 189 -36.00 -11.34 -0.60
C ILE A 189 -37.21 -11.01 -1.45
N ALA A 190 -36.98 -10.62 -2.70
CA ALA A 190 -38.06 -10.09 -3.51
C ALA A 190 -37.96 -10.59 -4.94
N LEU A 191 -39.07 -10.49 -5.65
CA LEU A 191 -39.11 -10.83 -7.07
C LEU A 191 -38.39 -9.74 -7.86
N ARG A 192 -37.33 -10.13 -8.55
CA ARG A 192 -36.64 -9.26 -9.51
C ARG A 192 -36.47 -10.02 -10.81
N HIS A 193 -37.03 -9.47 -11.89
CA HIS A 193 -36.90 -10.01 -13.25
C HIS A 193 -37.35 -11.45 -13.36
N GLY A 194 -38.41 -11.80 -12.63
CA GLY A 194 -38.94 -13.15 -12.66
C GLY A 194 -38.26 -14.13 -11.73
N ARG A 195 -37.13 -13.76 -11.13
CA ARG A 195 -36.46 -14.62 -10.17
C ARG A 195 -36.67 -14.08 -8.76
N LEU A 196 -36.27 -14.87 -7.78
CA LEU A 196 -36.19 -14.39 -6.41
C LEU A 196 -34.76 -13.96 -6.14
N CYS A 197 -34.62 -12.79 -5.52
CA CYS A 197 -33.30 -12.23 -5.26
C CYS A 197 -33.20 -11.80 -3.81
N PHE A 198 -32.05 -12.10 -3.21
CA PHE A 198 -31.71 -11.65 -1.87
C PHE A 198 -31.01 -10.30 -2.00
N MET A 199 -31.67 -9.24 -1.53
CA MET A 199 -31.21 -7.88 -1.72
C MET A 199 -30.92 -7.22 -0.40
N LEU A 200 -29.93 -6.32 -0.42
CA LEU A 200 -29.60 -5.49 0.73
C LEU A 200 -29.06 -4.18 0.20
N ARG A 201 -28.83 -3.23 1.10
CA ARG A 201 -28.44 -1.88 0.70
C ARG A 201 -27.22 -1.45 1.48
N VAL A 202 -26.17 -1.04 0.77
CA VAL A 202 -24.93 -0.58 1.37
C VAL A 202 -24.68 0.85 0.91
N GLY A 203 -24.36 1.73 1.86
CA GLY A 203 -24.15 3.14 1.56
C GLY A 203 -22.83 3.63 2.11
N ASP A 204 -22.21 4.54 1.36
CA ASP A 204 -21.02 5.26 1.79
C ASP A 204 -21.44 6.61 2.34
N LEU A 205 -20.93 6.96 3.51
CA LEU A 205 -21.46 8.10 4.24
C LEU A 205 -20.70 9.41 4.00
N ARG A 206 -19.54 9.36 3.34
CA ARG A 206 -18.75 10.57 3.16
C ARG A 206 -18.42 10.76 1.69
N LYS A 207 -17.77 11.87 1.40
CA LYS A 207 -17.48 12.26 0.02
C LYS A 207 -16.43 11.37 -0.63
N SER A 208 -15.37 11.05 0.12
CA SER A 208 -14.24 10.32 -0.44
C SER A 208 -14.63 8.90 -0.80
N MET A 209 -14.31 8.50 -2.03
CA MET A 209 -14.68 7.19 -2.52
C MET A 209 -13.84 6.10 -1.86
N ILE A 210 -14.27 4.86 -2.06
CA ILE A 210 -13.50 3.69 -1.69
C ILE A 210 -13.16 2.94 -2.97
N ILE A 211 -11.86 2.87 -3.28
CA ILE A 211 -11.37 2.48 -4.59
C ILE A 211 -11.36 0.96 -4.67
N SER A 212 -11.84 0.42 -5.81
CA SER A 212 -11.85 -1.01 -6.11
C SER A 212 -12.62 -1.79 -5.05
N ALA A 213 -13.81 -1.31 -4.74
CA ALA A 213 -14.65 -1.95 -3.74
C ALA A 213 -15.22 -3.24 -4.30
N THR A 214 -15.06 -4.32 -3.56
CA THR A 214 -15.60 -5.63 -3.92
C THR A 214 -16.50 -6.14 -2.80
N ILE A 215 -17.50 -6.92 -3.18
CA ILE A 215 -18.51 -7.46 -2.26
C ILE A 215 -18.43 -8.97 -2.32
N HIS A 216 -18.27 -9.60 -1.15
CA HIS A 216 -18.32 -11.05 -1.03
C HIS A 216 -19.42 -11.40 -0.03
N MET A 217 -20.46 -12.06 -0.49
CA MET A 217 -21.51 -12.53 0.39
C MET A 217 -21.33 -14.03 0.60
N GLN A 218 -21.54 -14.46 1.84
CA GLN A 218 -21.31 -15.86 2.22
C GLN A 218 -22.47 -16.34 3.06
N VAL A 219 -23.10 -17.43 2.64
CA VAL A 219 -24.08 -18.12 3.46
C VAL A 219 -23.33 -19.02 4.43
N VAL A 220 -23.51 -18.78 5.72
CA VAL A 220 -22.84 -19.51 6.78
C VAL A 220 -23.89 -20.26 7.57
N ARG A 221 -23.72 -21.58 7.64
CA ARG A 221 -24.63 -22.43 8.41
C ARG A 221 -23.95 -23.77 8.64
N LYS A 222 -24.60 -24.63 9.41
CA LYS A 222 -24.10 -25.98 9.62
C LYS A 222 -24.58 -26.86 8.49
N THR A 223 -23.65 -27.51 7.80
CA THR A 223 -23.97 -28.39 6.69
C THR A 223 -23.51 -29.81 6.98
N THR A 224 -24.22 -30.77 6.41
CA THR A 224 -23.88 -32.18 6.52
C THR A 224 -23.72 -32.74 5.12
N SER A 225 -22.52 -33.25 4.83
CA SER A 225 -22.26 -33.85 3.54
C SER A 225 -23.06 -35.15 3.39
N PRO A 226 -23.36 -35.56 2.16
CA PRO A 226 -24.06 -36.84 1.97
C PRO A 226 -23.26 -38.05 2.41
N GLU A 227 -21.94 -37.92 2.53
CA GLU A 227 -21.11 -39.00 3.04
C GLU A 227 -21.06 -39.04 4.56
N GLY A 228 -21.72 -38.10 5.24
CA GLY A 228 -21.77 -38.07 6.69
C GLY A 228 -20.90 -37.00 7.33
N GLU A 229 -20.15 -36.24 6.54
CA GLU A 229 -19.26 -35.23 7.10
C GLU A 229 -20.07 -34.01 7.53
N VAL A 230 -19.93 -33.62 8.79
CA VAL A 230 -20.65 -32.48 9.34
C VAL A 230 -19.67 -31.34 9.49
N VAL A 231 -19.87 -30.27 8.73
CA VAL A 231 -19.10 -29.04 8.85
C VAL A 231 -19.90 -28.10 9.75
N PRO A 232 -19.37 -27.71 10.91
CA PRO A 232 -20.19 -26.97 11.89
C PRO A 232 -20.47 -25.54 11.47
N LEU A 233 -19.50 -24.87 10.86
CA LEU A 233 -19.67 -23.51 10.37
C LEU A 233 -19.17 -23.46 8.93
N HIS A 234 -20.02 -23.86 7.99
CA HIS A 234 -19.67 -23.87 6.58
C HIS A 234 -20.04 -22.53 5.97
N GLN A 235 -19.10 -21.96 5.23
CA GLN A 235 -19.26 -20.67 4.56
C GLN A 235 -19.21 -20.91 3.06
N VAL A 236 -20.36 -20.81 2.40
CA VAL A 236 -20.46 -21.01 0.96
C VAL A 236 -20.66 -19.66 0.30
N ASP A 237 -19.83 -19.34 -0.68
CA ASP A 237 -19.90 -18.05 -1.37
C ASP A 237 -21.13 -18.03 -2.26
N ILE A 238 -21.96 -17.01 -2.12
CA ILE A 238 -23.05 -16.75 -3.05
C ILE A 238 -22.61 -15.64 -4.00
N PRO A 239 -22.72 -15.83 -5.31
CA PRO A 239 -22.22 -14.83 -6.25
C PRO A 239 -23.15 -13.63 -6.33
N MET A 240 -22.57 -12.44 -6.17
CA MET A 240 -23.32 -11.20 -6.32
C MET A 240 -23.63 -10.97 -7.79
N GLU A 241 -24.90 -10.76 -8.10
CA GLU A 241 -25.30 -10.47 -9.47
C GLU A 241 -24.83 -9.07 -9.84
N ASN A 242 -23.99 -8.98 -10.87
CA ASN A 242 -23.35 -7.72 -11.21
C ASN A 242 -23.58 -7.34 -12.67
N GLY A 243 -23.74 -8.35 -13.52
CA GLY A 243 -23.89 -8.11 -14.94
C GLY A 243 -22.73 -8.68 -15.71
N VAL A 244 -21.52 -8.55 -15.15
CA VAL A 244 -20.32 -9.13 -15.75
C VAL A 244 -19.83 -10.35 -15.00
N GLY A 245 -20.40 -10.66 -13.85
CA GLY A 245 -19.98 -11.82 -13.08
C GLY A 245 -19.00 -11.46 -11.98
N GLY A 246 -18.07 -10.55 -12.28
CA GLY A 246 -17.10 -10.14 -11.28
C GLY A 246 -17.74 -9.30 -10.19
N ASN A 247 -17.25 -9.46 -8.98
CA ASN A 247 -17.76 -8.73 -7.82
C ASN A 247 -16.96 -7.45 -7.65
N SER A 248 -17.46 -6.36 -8.23
CA SER A 248 -16.79 -5.07 -8.13
C SER A 248 -17.84 -3.99 -8.29
N ILE A 249 -18.00 -3.16 -7.27
CA ILE A 249 -19.04 -2.14 -7.24
C ILE A 249 -18.41 -0.76 -7.33
N PHE A 250 -19.22 0.22 -7.67
CA PHE A 250 -18.83 1.63 -7.66
C PHE A 250 -19.77 2.33 -6.70
N LEU A 251 -19.30 2.56 -5.48
CA LEU A 251 -20.14 3.00 -4.38
C LEU A 251 -20.06 4.52 -4.25
N VAL A 252 -21.07 5.21 -4.78
CA VAL A 252 -21.24 6.63 -4.55
C VAL A 252 -22.60 6.85 -3.91
N ALA A 253 -23.64 6.49 -4.64
CA ALA A 253 -24.97 6.44 -4.06
C ALA A 253 -25.19 5.07 -3.42
N PRO A 254 -26.01 5.00 -2.38
CA PRO A 254 -26.32 3.70 -1.78
C PRO A 254 -27.07 2.80 -2.75
N LEU A 255 -26.44 1.72 -3.19
CA LEU A 255 -26.98 0.86 -4.22
C LEU A 255 -27.37 -0.48 -3.63
N ILE A 256 -28.35 -1.11 -4.26
CA ILE A 256 -28.92 -2.36 -3.77
C ILE A 256 -28.09 -3.51 -4.31
N ILE A 257 -27.34 -4.16 -3.43
CA ILE A 257 -26.59 -5.35 -3.78
C ILE A 257 -27.52 -6.55 -3.66
N TYR A 258 -27.64 -7.31 -4.74
CA TYR A 258 -28.58 -8.42 -4.76
C TYR A 258 -27.93 -9.65 -5.38
N HIS A 259 -28.37 -10.80 -4.91
CA HIS A 259 -27.91 -12.09 -5.39
C HIS A 259 -29.12 -12.86 -5.89
N VAL A 260 -29.07 -13.30 -7.15
CA VAL A 260 -30.18 -14.01 -7.76
C VAL A 260 -30.18 -15.45 -7.26
N ILE A 261 -31.30 -15.87 -6.67
CA ILE A 261 -31.41 -17.23 -6.13
C ILE A 261 -31.63 -18.16 -7.32
N ASP A 262 -30.54 -18.74 -7.81
CA ASP A 262 -30.57 -19.61 -8.97
C ASP A 262 -30.55 -21.06 -8.48
N ALA A 263 -30.46 -22.00 -9.41
CA ALA A 263 -30.36 -23.41 -9.04
C ALA A 263 -29.04 -23.74 -8.36
N ASN A 264 -27.99 -22.99 -8.64
CA ASN A 264 -26.70 -23.20 -8.00
C ASN A 264 -26.57 -22.43 -6.69
N SER A 265 -27.63 -21.82 -6.21
CA SER A 265 -27.49 -21.05 -4.98
C SER A 265 -27.98 -21.84 -3.78
N PRO A 266 -27.27 -21.75 -2.65
CA PRO A 266 -27.69 -22.49 -1.45
C PRO A 266 -29.00 -22.02 -0.85
N LEU A 267 -29.52 -20.86 -1.25
CA LEU A 267 -30.84 -20.43 -0.85
C LEU A 267 -31.93 -20.98 -1.76
N TYR A 268 -31.59 -21.87 -2.68
CA TYR A 268 -32.53 -22.39 -3.67
C TYR A 268 -33.68 -23.18 -3.05
N ASP A 269 -33.53 -23.62 -1.79
CA ASP A 269 -34.61 -24.30 -1.08
C ASP A 269 -35.06 -23.51 0.14
N LEU A 270 -34.77 -22.21 0.18
CA LEU A 270 -35.16 -21.40 1.33
C LEU A 270 -36.64 -21.03 1.22
N ALA A 271 -37.37 -21.21 2.31
CA ALA A 271 -38.81 -21.02 2.44
C ALA A 271 -39.13 -19.69 3.11
N PRO A 272 -40.30 -19.11 2.87
CA PRO A 272 -40.67 -17.89 3.60
C PRO A 272 -40.97 -18.16 5.06
N SER A 273 -41.33 -19.39 5.43
CA SER A 273 -41.54 -19.78 6.81
C SER A 273 -40.25 -20.21 7.49
N ASP A 274 -39.18 -20.40 6.74
CA ASP A 274 -37.87 -20.73 7.30
C ASP A 274 -37.14 -19.52 7.83
N LEU A 275 -37.70 -18.31 7.64
CA LEU A 275 -37.04 -17.10 8.11
C LEU A 275 -37.51 -16.71 9.51
N HIS A 276 -37.44 -17.66 10.44
CA HIS A 276 -37.70 -17.39 11.84
C HIS A 276 -36.38 -17.35 12.59
N HIS A 277 -36.44 -16.88 13.83
CA HIS A 277 -35.28 -17.00 14.69
C HIS A 277 -35.08 -18.46 15.08
N HIS A 278 -33.89 -18.74 15.63
CA HIS A 278 -33.42 -20.10 15.91
C HIS A 278 -33.45 -20.95 14.64
N GLN A 279 -32.95 -20.38 13.55
CA GLN A 279 -32.80 -21.07 12.28
C GLN A 279 -31.35 -20.99 11.87
N ASP A 280 -30.74 -22.15 11.60
CA ASP A 280 -29.31 -22.22 11.31
C ASP A 280 -29.08 -21.70 9.90
N LEU A 281 -28.99 -20.38 9.79
CA LEU A 281 -28.74 -19.71 8.52
C LEU A 281 -28.30 -18.28 8.83
N GLU A 282 -27.19 -17.85 8.26
CA GLU A 282 -26.74 -16.49 8.49
C GLU A 282 -25.95 -16.02 7.27
N ILE A 283 -26.34 -14.92 6.66
CA ILE A 283 -25.68 -14.41 5.47
C ILE A 283 -24.79 -13.25 5.85
N ILE A 284 -23.49 -13.40 5.71
CA ILE A 284 -22.54 -12.35 6.04
C ILE A 284 -22.11 -11.66 4.75
N VAL A 285 -21.84 -10.36 4.84
CA VAL A 285 -21.47 -9.54 3.71
C VAL A 285 -20.15 -8.87 4.04
N ILE A 286 -19.20 -8.94 3.12
CA ILE A 286 -17.86 -8.42 3.32
C ILE A 286 -17.55 -7.47 2.17
N LEU A 287 -17.51 -6.17 2.46
CA LEU A 287 -17.16 -5.17 1.46
C LEU A 287 -15.73 -4.70 1.73
N GLU A 288 -14.85 -4.87 0.76
CA GLU A 288 -13.45 -4.52 0.96
C GLU A 288 -12.96 -3.67 -0.19
N GLY A 289 -12.19 -2.64 0.16
CA GLY A 289 -11.70 -1.74 -0.86
C GLY A 289 -10.48 -0.99 -0.37
N VAL A 290 -10.11 0.05 -1.11
CA VAL A 290 -9.00 0.92 -0.75
C VAL A 290 -9.55 2.30 -0.45
N VAL A 291 -9.22 2.83 0.73
CA VAL A 291 -9.62 4.18 1.07
C VAL A 291 -8.85 5.17 0.20
N GLU A 292 -9.57 6.13 -0.37
CA GLU A 292 -8.93 7.04 -1.31
C GLU A 292 -7.99 8.01 -0.62
N THR A 293 -8.35 8.45 0.59
CA THR A 293 -7.54 9.43 1.29
C THR A 293 -6.25 8.82 1.81
N THR A 294 -6.35 7.75 2.61
CA THR A 294 -5.17 7.18 3.23
C THR A 294 -4.41 6.22 2.32
N GLY A 295 -5.12 5.33 1.62
CA GLY A 295 -4.50 4.36 0.76
C GLY A 295 -4.37 2.97 1.33
N ILE A 296 -4.80 2.77 2.57
CA ILE A 296 -4.74 1.46 3.23
C ILE A 296 -6.03 0.71 2.94
N THR A 297 -5.90 -0.57 2.59
CA THR A 297 -7.04 -1.43 2.29
C THR A 297 -7.90 -1.61 3.53
N THR A 298 -9.19 -1.31 3.39
CA THR A 298 -10.17 -1.46 4.47
C THR A 298 -11.18 -2.55 4.11
N GLN A 299 -11.87 -3.01 5.15
CA GLN A 299 -12.89 -4.04 5.00
C GLN A 299 -13.98 -3.82 6.03
N ALA A 300 -15.19 -3.54 5.57
CA ALA A 300 -16.38 -3.54 6.40
C ALA A 300 -17.09 -4.86 6.24
N ARG A 301 -17.83 -5.26 7.26
CA ARG A 301 -18.56 -6.51 7.20
C ARG A 301 -19.81 -6.41 8.06
N THR A 302 -20.83 -7.14 7.66
CA THR A 302 -22.09 -7.18 8.40
C THR A 302 -22.67 -8.57 8.29
N SER A 303 -23.80 -8.77 8.96
CA SER A 303 -24.41 -10.10 9.04
C SER A 303 -25.91 -9.97 9.11
N TYR A 304 -26.59 -10.97 8.55
CA TYR A 304 -28.05 -11.03 8.55
C TYR A 304 -28.46 -12.41 9.02
N LEU A 305 -29.12 -12.45 10.18
CA LEU A 305 -29.69 -13.69 10.67
C LEU A 305 -30.95 -14.02 9.90
N ALA A 306 -31.57 -15.14 10.24
CA ALA A 306 -32.75 -15.57 9.51
C ALA A 306 -33.98 -14.72 9.83
N ASP A 307 -33.98 -14.00 10.95
CA ASP A 307 -35.09 -13.12 11.28
C ASP A 307 -34.91 -11.70 10.77
N GLU A 308 -33.70 -11.34 10.37
CA GLU A 308 -33.43 -10.03 9.77
C GLU A 308 -33.58 -10.05 8.26
N ILE A 309 -34.10 -11.14 7.70
CA ILE A 309 -34.35 -11.25 6.27
C ILE A 309 -35.85 -11.22 6.06
N LEU A 310 -36.33 -10.16 5.41
CA LEU A 310 -37.77 -9.92 5.25
C LEU A 310 -38.21 -10.49 3.91
N TRP A 311 -38.95 -11.59 3.95
CA TRP A 311 -39.52 -12.15 2.74
C TRP A 311 -40.68 -11.28 2.27
N GLY A 312 -40.76 -11.07 0.95
CA GLY A 312 -41.86 -10.35 0.39
C GLY A 312 -41.84 -8.86 0.62
N GLN A 313 -40.66 -8.25 0.65
CA GLN A 313 -40.54 -6.80 0.78
C GLN A 313 -39.45 -6.32 -0.15
N ARG A 314 -39.45 -5.02 -0.42
CA ARG A 314 -38.39 -4.43 -1.23
C ARG A 314 -38.12 -3.03 -0.74
N PHE A 315 -36.93 -2.53 -1.07
CA PHE A 315 -36.51 -1.23 -0.58
C PHE A 315 -37.26 -0.11 -1.29
N VAL A 316 -37.27 1.05 -0.65
CA VAL A 316 -37.88 2.24 -1.25
C VAL A 316 -36.78 3.01 -1.97
N PRO A 317 -37.07 3.64 -3.11
CA PRO A 317 -36.07 4.46 -3.79
C PRO A 317 -35.80 5.73 -2.99
N ILE A 318 -34.52 5.99 -2.70
CA ILE A 318 -34.13 7.15 -1.92
C ILE A 318 -33.32 8.16 -2.71
N VAL A 319 -32.95 7.85 -3.95
CA VAL A 319 -32.22 8.80 -4.79
C VAL A 319 -33.24 9.65 -5.54
N ALA A 320 -33.04 10.97 -5.52
CA ALA A 320 -33.94 11.88 -6.20
C ALA A 320 -33.14 13.07 -6.71
N GLU A 321 -33.50 13.56 -7.88
CA GLU A 321 -32.85 14.73 -8.46
C GLU A 321 -33.48 16.00 -7.91
N GLU A 322 -32.65 16.89 -7.36
CA GLU A 322 -33.10 18.23 -7.00
C GLU A 322 -32.06 19.24 -7.47
N ASP A 323 -32.55 20.35 -8.02
CA ASP A 323 -31.80 21.51 -8.51
C ASP A 323 -30.52 21.19 -9.28
N GLY A 324 -30.53 20.12 -10.08
CA GLY A 324 -29.40 19.77 -10.90
C GLY A 324 -28.39 18.84 -10.26
N ARG A 325 -28.65 18.36 -9.05
CA ARG A 325 -27.81 17.38 -8.40
C ARG A 325 -28.67 16.21 -7.96
N TYR A 326 -28.02 15.13 -7.56
CA TYR A 326 -28.71 13.98 -6.99
C TYR A 326 -28.60 14.04 -5.48
N SER A 327 -29.63 13.53 -4.81
CA SER A 327 -29.70 13.59 -3.36
C SER A 327 -30.25 12.27 -2.85
N VAL A 328 -29.61 11.75 -1.81
CA VAL A 328 -30.05 10.51 -1.16
C VAL A 328 -30.57 10.86 0.23
N ASP A 329 -31.76 10.37 0.54
CA ASP A 329 -32.37 10.59 1.84
C ASP A 329 -31.95 9.44 2.75
N TYR A 330 -30.86 9.63 3.49
CA TYR A 330 -30.31 8.58 4.32
C TYR A 330 -31.20 8.22 5.51
N SER A 331 -32.23 9.02 5.80
CA SER A 331 -33.22 8.62 6.80
C SER A 331 -34.11 7.51 6.29
N LYS A 332 -34.32 7.42 4.97
CA LYS A 332 -35.10 6.35 4.37
C LYS A 332 -34.25 5.16 3.97
N PHE A 333 -33.11 4.96 4.64
CA PHE A 333 -32.14 3.97 4.19
C PHE A 333 -32.67 2.55 4.34
N ASP A 334 -33.24 2.23 5.50
CA ASP A 334 -33.69 0.87 5.77
C ASP A 334 -35.20 0.73 5.69
N ASN A 335 -35.90 1.69 5.10
CA ASN A 335 -37.33 1.56 4.93
C ASN A 335 -37.64 0.60 3.78
N THR A 336 -38.67 -0.21 3.96
CA THR A 336 -39.07 -1.19 2.97
C THR A 336 -40.58 -1.12 2.78
N VAL A 337 -41.06 -1.81 1.76
CA VAL A 337 -42.47 -1.88 1.42
C VAL A 337 -42.83 -3.33 1.09
N LYS A 338 -43.94 -3.80 1.65
CA LYS A 338 -44.41 -5.17 1.44
C LYS A 338 -45.03 -5.28 0.05
N VAL A 339 -44.27 -5.85 -0.87
CA VAL A 339 -44.76 -6.09 -2.23
C VAL A 339 -45.18 -7.55 -2.35
N PRO A 340 -46.12 -7.90 -3.22
CA PRO A 340 -46.56 -9.29 -3.30
C PRO A 340 -45.52 -10.18 -3.99
N THR A 341 -45.04 -11.16 -3.26
CA THR A 341 -44.18 -12.22 -3.78
C THR A 341 -44.87 -13.53 -3.46
N PRO A 342 -44.56 -14.60 -4.20
CA PRO A 342 -45.14 -15.90 -3.84
C PRO A 342 -44.55 -16.42 -2.54
N LEU A 343 -45.36 -17.15 -1.78
CA LEU A 343 -44.91 -17.77 -0.53
C LEU A 343 -44.54 -19.22 -0.80
N CYS A 344 -43.44 -19.38 -1.54
CA CYS A 344 -42.92 -20.71 -1.86
C CYS A 344 -41.43 -20.58 -2.14
N THR A 345 -40.74 -21.72 -2.11
CA THR A 345 -39.30 -21.72 -2.30
C THR A 345 -38.96 -21.42 -3.76
N ALA A 346 -37.70 -21.11 -4.01
CA ALA A 346 -37.26 -20.82 -5.36
C ALA A 346 -37.32 -22.06 -6.25
N ARG A 347 -37.24 -23.25 -5.68
CA ARG A 347 -37.35 -24.46 -6.49
C ARG A 347 -38.77 -24.67 -6.99
N GLN A 348 -39.76 -24.63 -6.09
CA GLN A 348 -41.14 -24.76 -6.51
C GLN A 348 -41.70 -23.45 -7.06
N LEU A 349 -40.85 -22.43 -7.21
CA LEU A 349 -41.18 -21.31 -8.09
C LEU A 349 -40.62 -21.55 -9.49
N ASP A 350 -39.41 -22.09 -9.58
CA ASP A 350 -38.81 -22.42 -10.87
C ASP A 350 -39.64 -23.45 -11.61
N GLU A 351 -40.11 -24.48 -10.91
CA GLU A 351 -41.12 -25.38 -11.44
C GLU A 351 -42.43 -25.14 -10.72
N ASP A 352 -43.41 -24.60 -11.47
CA ASP A 352 -44.68 -24.09 -10.98
C ASP A 352 -44.50 -23.03 -9.90
N ARG B 32 12.08 -36.46 -1.76
CA ARG B 32 13.40 -36.60 -1.14
C ARG B 32 14.02 -35.23 -0.90
N ALA B 33 13.61 -34.26 -1.70
CA ALA B 33 14.02 -32.87 -1.53
C ALA B 33 12.83 -31.99 -1.86
N ARG B 34 12.31 -31.27 -0.88
CA ARG B 34 11.06 -30.56 -1.06
C ARG B 34 11.30 -29.15 -1.60
N PHE B 35 10.34 -28.68 -2.38
CA PHE B 35 10.40 -27.36 -2.98
C PHE B 35 10.23 -26.28 -1.93
N VAL B 36 9.14 -26.34 -1.17
CA VAL B 36 8.86 -25.41 -0.08
C VAL B 36 8.91 -26.18 1.23
N SER B 37 9.49 -25.57 2.26
CA SER B 37 9.49 -26.18 3.57
C SER B 37 8.10 -26.07 4.20
N LYS B 38 7.92 -26.72 5.34
CA LYS B 38 6.64 -26.64 6.03
C LYS B 38 6.37 -25.26 6.61
N LYS B 39 7.40 -24.48 6.86
CA LYS B 39 7.25 -23.13 7.37
C LYS B 39 7.18 -22.09 6.28
N GLY B 40 7.39 -22.47 5.02
CA GLY B 40 7.29 -21.56 3.91
C GLY B 40 8.60 -21.18 3.26
N ASN B 41 9.74 -21.65 3.78
CA ASN B 41 11.03 -21.34 3.20
C ASN B 41 11.20 -22.14 1.91
N CYS B 42 11.67 -21.46 0.86
CA CYS B 42 11.88 -22.09 -0.43
C CYS B 42 13.28 -22.68 -0.50
N ASN B 43 13.37 -23.93 -0.96
CA ASN B 43 14.66 -24.62 -1.05
C ASN B 43 15.22 -24.49 -2.46
N VAL B 44 15.62 -23.26 -2.80
CA VAL B 44 16.23 -22.97 -4.07
C VAL B 44 17.61 -22.37 -3.83
N ALA B 45 18.50 -22.53 -4.81
CA ALA B 45 19.90 -22.17 -4.65
C ALA B 45 20.34 -20.93 -5.40
N HIS B 46 19.80 -20.69 -6.60
CA HIS B 46 20.15 -19.56 -7.45
C HIS B 46 21.64 -19.56 -7.79
N LYS B 47 22.06 -20.59 -8.52
CA LYS B 47 23.45 -20.74 -8.90
C LYS B 47 23.77 -19.91 -10.14
N ASN B 48 25.02 -19.45 -10.19
CA ASN B 48 25.64 -18.86 -11.39
C ASN B 48 24.90 -17.63 -11.90
N ILE B 49 24.54 -16.75 -10.97
CA ILE B 49 23.94 -15.48 -11.34
C ILE B 49 25.03 -14.62 -11.94
N ARG B 50 25.01 -14.47 -13.26
CA ARG B 50 26.10 -13.79 -13.95
C ARG B 50 25.96 -12.28 -13.86
N GLU B 51 24.75 -11.76 -14.09
CA GLU B 51 24.50 -10.32 -14.12
C GLU B 51 24.40 -9.81 -12.69
N GLN B 52 25.55 -9.74 -12.03
CA GLN B 52 25.61 -9.19 -10.69
C GLN B 52 25.58 -7.66 -10.68
N GLY B 53 25.70 -7.04 -11.85
CA GLY B 53 25.68 -5.59 -11.91
C GLY B 53 24.31 -4.98 -11.69
N ARG B 54 23.25 -5.69 -12.05
CA ARG B 54 21.90 -5.18 -11.82
C ARG B 54 21.48 -5.28 -10.37
N PHE B 55 22.22 -6.01 -9.54
CA PHE B 55 21.94 -6.03 -8.11
C PHE B 55 22.26 -4.68 -7.47
N LEU B 56 23.17 -3.92 -8.06
CA LEU B 56 23.52 -2.60 -7.58
C LEU B 56 22.62 -1.51 -8.15
N GLN B 57 21.66 -1.88 -9.00
CA GLN B 57 20.72 -0.89 -9.52
C GLN B 57 19.54 -0.67 -8.60
N ASP B 58 19.28 -1.59 -7.68
CA ASP B 58 18.29 -1.39 -6.63
C ASP B 58 19.00 -1.62 -5.29
N VAL B 59 19.63 -0.57 -4.77
CA VAL B 59 20.36 -0.72 -3.52
C VAL B 59 19.40 -0.80 -2.35
N PHE B 60 18.23 -0.16 -2.46
CA PHE B 60 17.28 -0.13 -1.35
C PHE B 60 16.65 -1.49 -1.07
N THR B 61 16.36 -2.26 -2.12
CA THR B 61 15.80 -3.59 -1.93
C THR B 61 16.80 -4.50 -1.24
N THR B 62 18.07 -4.42 -1.62
CA THR B 62 19.12 -5.16 -0.94
C THR B 62 19.32 -4.68 0.49
N LEU B 63 19.15 -3.38 0.74
CA LEU B 63 19.33 -2.84 2.09
C LEU B 63 18.23 -3.32 3.03
N VAL B 64 16.98 -3.31 2.57
CA VAL B 64 15.89 -3.83 3.38
C VAL B 64 15.98 -5.35 3.50
N ASP B 65 16.45 -6.02 2.45
CA ASP B 65 16.52 -7.47 2.37
C ASP B 65 17.59 -8.11 3.24
N LEU B 66 18.32 -7.33 4.02
CA LEU B 66 19.40 -7.89 4.83
C LEU B 66 18.86 -8.58 6.08
N LYS B 67 19.75 -9.28 6.77
CA LYS B 67 19.46 -9.80 8.09
C LYS B 67 19.47 -8.66 9.11
N TRP B 68 18.99 -8.96 10.31
CA TRP B 68 18.93 -7.94 11.35
C TRP B 68 20.30 -7.53 11.92
N PRO B 69 21.26 -8.44 12.14
CA PRO B 69 22.60 -7.95 12.50
C PRO B 69 23.24 -7.06 11.46
N HIS B 70 23.12 -7.41 10.16
CA HIS B 70 23.65 -6.55 9.12
C HIS B 70 22.89 -5.23 9.05
N THR B 71 21.59 -5.24 9.33
CA THR B 71 20.82 -4.01 9.29
C THR B 71 21.24 -3.06 10.40
N LEU B 72 21.39 -3.59 11.62
CA LEU B 72 21.87 -2.76 12.73
C LEU B 72 23.29 -2.28 12.49
N LEU B 73 24.13 -3.14 11.90
CA LEU B 73 25.51 -2.75 11.62
C LEU B 73 25.57 -1.62 10.59
N ILE B 74 24.80 -1.72 9.51
CA ILE B 74 24.82 -0.67 8.49
C ILE B 74 24.15 0.61 8.99
N PHE B 75 23.11 0.51 9.81
CA PHE B 75 22.52 1.68 10.45
C PHE B 75 23.55 2.43 11.30
N THR B 76 24.16 1.73 12.26
CA THR B 76 25.14 2.33 13.15
C THR B 76 26.35 2.84 12.38
N MET B 77 26.81 2.08 11.39
CA MET B 77 27.97 2.47 10.60
C MET B 77 27.70 3.68 9.73
N SER B 78 26.51 3.79 9.13
CA SER B 78 26.19 4.95 8.32
C SER B 78 26.17 6.21 9.17
N PHE B 79 25.50 6.16 10.33
CA PHE B 79 25.45 7.33 11.19
C PHE B 79 26.84 7.69 11.73
N LEU B 80 27.59 6.68 12.17
CA LEU B 80 28.89 6.93 12.80
C LEU B 80 29.91 7.43 11.79
N CYS B 81 29.91 6.88 10.57
CA CYS B 81 30.84 7.35 9.57
C CYS B 81 30.46 8.72 9.01
N SER B 82 29.16 9.05 8.97
CA SER B 82 28.81 10.43 8.61
C SER B 82 29.30 11.41 9.66
N TRP B 83 29.12 11.07 10.94
CA TRP B 83 29.65 11.92 12.01
C TRP B 83 31.17 12.02 11.95
N LEU B 84 31.86 10.91 11.63
CA LEU B 84 33.31 10.93 11.59
C LEU B 84 33.83 11.74 10.41
N LEU B 85 33.17 11.62 9.26
CA LEU B 85 33.59 12.38 8.08
C LEU B 85 33.42 13.88 8.31
N PHE B 86 32.26 14.29 8.82
CA PHE B 86 32.10 15.72 9.09
C PHE B 86 32.93 16.18 10.27
N ALA B 87 33.29 15.27 11.19
CA ALA B 87 34.22 15.63 12.26
C ALA B 87 35.61 15.91 11.71
N MET B 88 36.05 15.10 10.76
CA MET B 88 37.32 15.38 10.10
C MET B 88 37.27 16.68 9.31
N ALA B 89 36.11 16.99 8.73
CA ALA B 89 35.95 18.26 8.04
C ALA B 89 36.06 19.45 9.00
N TRP B 90 35.38 19.38 10.14
CA TRP B 90 35.45 20.45 11.13
C TRP B 90 36.86 20.57 11.70
N TRP B 91 37.54 19.44 11.88
CA TRP B 91 38.90 19.47 12.41
C TRP B 91 39.85 20.11 11.40
N LEU B 92 39.66 19.82 10.11
CA LEU B 92 40.50 20.44 9.10
C LEU B 92 40.24 21.94 9.01
N ILE B 93 38.98 22.35 9.18
CA ILE B 93 38.67 23.78 9.17
C ILE B 93 39.33 24.48 10.36
N ALA B 94 39.24 23.88 11.55
CA ALA B 94 39.85 24.46 12.73
C ALA B 94 41.36 24.47 12.64
N PHE B 95 41.94 23.49 11.95
CA PHE B 95 43.37 23.51 11.67
C PHE B 95 43.74 24.66 10.75
N ALA B 96 43.04 24.77 9.61
CA ALA B 96 43.42 25.74 8.59
C ALA B 96 43.21 27.17 9.06
N HIS B 97 42.24 27.38 9.95
CA HIS B 97 42.11 28.72 10.53
C HIS B 97 43.17 29.00 11.58
N GLY B 98 43.83 27.98 12.11
CA GLY B 98 44.77 28.16 13.19
C GLY B 98 44.14 28.18 14.56
N ASP B 99 42.99 27.54 14.74
CA ASP B 99 42.32 27.55 16.04
C ASP B 99 42.84 26.46 16.95
N LEU B 100 43.36 25.37 16.38
CA LEU B 100 43.92 24.30 17.20
C LEU B 100 45.19 24.73 17.91
N ALA B 101 45.92 25.67 17.33
CA ALA B 101 47.10 26.19 17.99
C ALA B 101 46.68 27.08 19.14
N PRO B 102 47.12 26.81 20.37
CA PRO B 102 46.68 27.62 21.52
C PRO B 102 47.33 28.99 21.61
N SER B 103 48.14 29.38 20.63
CA SER B 103 48.67 30.73 20.59
C SER B 103 47.56 31.70 20.21
N GLU B 104 46.80 32.15 21.20
CA GLU B 104 45.64 33.01 20.97
C GLU B 104 46.03 34.48 20.93
N GLY B 105 45.40 35.21 20.02
CA GLY B 105 45.49 36.66 20.01
C GLY B 105 44.17 37.28 20.44
N THR B 106 43.41 37.77 19.47
CA THR B 106 42.06 38.25 19.72
C THR B 106 41.04 37.78 18.69
N ALA B 107 41.48 37.15 17.60
CA ALA B 107 40.57 36.74 16.55
C ALA B 107 39.70 35.58 17.01
N GLU B 108 38.45 35.59 16.59
CA GLU B 108 37.53 34.56 17.01
C GLU B 108 37.62 33.35 16.08
N PRO B 109 37.42 32.14 16.61
CA PRO B 109 37.51 30.94 15.79
C PRO B 109 36.28 30.81 14.89
N CYS B 110 36.36 29.84 13.97
CA CYS B 110 35.16 29.49 13.20
C CYS B 110 34.14 28.80 14.09
N VAL B 111 34.59 27.79 14.83
CA VAL B 111 33.76 27.13 15.85
C VAL B 111 34.45 27.35 17.19
N THR B 112 33.65 27.76 18.18
CA THR B 112 34.21 28.07 19.48
C THR B 112 34.59 26.79 20.23
N SER B 113 35.65 26.90 21.04
CA SER B 113 36.09 25.86 21.98
C SER B 113 36.36 24.52 21.31
N ILE B 114 36.95 24.55 20.11
CA ILE B 114 37.46 23.34 19.48
C ILE B 114 38.97 23.38 19.59
N HIS B 115 39.54 22.38 20.26
CA HIS B 115 40.99 22.27 20.36
C HIS B 115 41.46 20.82 20.27
N SER B 116 40.61 19.92 19.79
CA SER B 116 40.98 18.52 19.64
C SER B 116 40.08 17.88 18.60
N PHE B 117 40.52 16.74 18.08
CA PHE B 117 39.65 15.97 17.21
C PHE B 117 38.47 15.41 17.98
N SER B 118 38.63 15.15 19.27
CA SER B 118 37.49 14.78 20.08
C SER B 118 36.49 15.91 20.20
N SER B 119 36.98 17.15 20.28
CA SER B 119 36.09 18.31 20.26
C SER B 119 35.36 18.43 18.94
N ALA B 120 36.09 18.22 17.83
CA ALA B 120 35.45 18.27 16.52
C ALA B 120 34.43 17.15 16.36
N PHE B 121 34.69 15.98 16.95
CA PHE B 121 33.76 14.87 16.85
C PHE B 121 32.49 15.13 17.67
N LEU B 122 32.66 15.65 18.89
CA LEU B 122 31.49 16.04 19.67
C LEU B 122 30.68 17.13 18.97
N PHE B 123 31.35 18.08 18.33
CA PHE B 123 30.63 19.12 17.61
C PHE B 123 29.91 18.57 16.40
N SER B 124 30.52 17.62 15.68
CA SER B 124 29.85 17.02 14.54
C SER B 124 28.64 16.20 14.97
N ILE B 125 28.73 15.52 16.11
CA ILE B 125 27.58 14.80 16.64
C ILE B 125 26.47 15.78 17.03
N GLU B 126 26.85 16.88 17.68
CA GLU B 126 25.86 17.89 18.08
C GLU B 126 25.18 18.53 16.88
N VAL B 127 25.90 18.69 15.76
CA VAL B 127 25.31 19.29 14.59
C VAL B 127 24.41 18.30 13.87
N GLN B 128 24.89 17.07 13.64
CA GLN B 128 24.13 16.12 12.84
C GLN B 128 22.92 15.58 13.59
N VAL B 129 23.06 15.25 14.87
CA VAL B 129 21.91 14.80 15.66
C VAL B 129 21.00 15.95 16.04
N THR B 130 21.46 17.19 15.81
CA THR B 130 20.77 18.43 16.18
C THR B 130 20.49 18.48 17.67
N ILE B 131 21.55 18.19 18.44
CA ILE B 131 21.50 18.41 19.88
C ILE B 131 21.82 19.86 20.20
N GLY B 132 23.01 20.31 19.82
CA GLY B 132 23.37 21.70 19.97
C GLY B 132 23.54 22.14 21.41
N PHE B 133 24.60 21.63 22.06
CA PHE B 133 24.84 22.02 23.44
C PHE B 133 25.22 23.49 23.54
N GLY B 134 26.08 23.97 22.65
CA GLY B 134 26.41 25.38 22.62
C GLY B 134 27.75 25.74 23.22
N GLY B 135 28.45 24.80 23.84
CA GLY B 135 29.83 25.05 24.19
C GLY B 135 30.69 25.18 22.95
N ARG B 136 30.33 24.47 21.88
CA ARG B 136 30.96 24.59 20.58
C ARG B 136 29.89 25.03 19.58
N MET B 137 29.94 26.29 19.17
CA MET B 137 28.95 26.82 18.25
C MET B 137 29.65 27.50 17.08
N VAL B 138 28.97 27.55 15.95
CA VAL B 138 29.52 28.17 14.75
C VAL B 138 29.50 29.68 14.92
N THR B 139 30.63 30.32 14.73
CA THR B 139 30.69 31.77 14.66
C THR B 139 30.69 32.21 13.21
N GLU B 140 30.54 33.52 13.00
CA GLU B 140 30.44 34.09 11.66
C GLU B 140 31.81 34.46 11.08
N GLU B 141 32.89 33.96 11.67
CA GLU B 141 34.22 34.32 11.20
C GLU B 141 34.61 33.55 9.95
N CYS B 142 34.34 32.25 9.92
CA CYS B 142 34.78 31.41 8.83
C CYS B 142 33.63 31.20 7.86
N PRO B 143 33.69 31.73 6.63
CA PRO B 143 32.63 31.47 5.66
C PRO B 143 32.62 30.04 5.15
N LEU B 144 33.74 29.33 5.24
CA LEU B 144 33.74 27.93 4.87
C LEU B 144 33.05 27.07 5.92
N ALA B 145 33.07 27.51 7.18
CA ALA B 145 32.39 26.78 8.24
C ALA B 145 30.89 26.80 8.04
N ILE B 146 30.35 27.91 7.52
CA ILE B 146 28.91 27.97 7.25
C ILE B 146 28.54 27.01 6.12
N LEU B 147 29.41 26.88 5.12
CA LEU B 147 29.17 25.93 4.05
C LEU B 147 29.23 24.49 4.55
N ILE B 148 30.19 24.20 5.43
CA ILE B 148 30.28 22.87 6.03
C ILE B 148 29.06 22.59 6.88
N LEU B 149 28.55 23.58 7.60
CA LEU B 149 27.35 23.41 8.40
C LEU B 149 26.13 23.13 7.52
N ILE B 150 26.01 23.84 6.39
CA ILE B 150 24.90 23.62 5.47
C ILE B 150 24.96 22.22 4.88
N VAL B 151 26.14 21.81 4.42
CA VAL B 151 26.29 20.48 3.83
C VAL B 151 26.03 19.39 4.86
N GLN B 152 26.51 19.59 6.09
CA GLN B 152 26.27 18.59 7.12
C GLN B 152 24.80 18.49 7.49
N ASN B 153 24.09 19.62 7.53
CA ASN B 153 22.66 19.57 7.82
C ASN B 153 21.89 18.89 6.70
N ILE B 154 22.24 19.15 5.45
CA ILE B 154 21.53 18.53 4.33
C ILE B 154 21.78 17.03 4.30
N VAL B 155 23.04 16.61 4.42
CA VAL B 155 23.36 15.19 4.41
C VAL B 155 22.79 14.49 5.65
N GLY B 156 22.74 15.18 6.78
CA GLY B 156 22.14 14.59 7.97
C GLY B 156 20.65 14.39 7.83
N LEU B 157 19.95 15.36 7.22
CA LEU B 157 18.52 15.18 6.97
C LEU B 157 18.27 14.04 6.00
N MET B 158 19.07 13.95 4.94
CA MET B 158 18.91 12.87 3.96
C MET B 158 19.17 11.50 4.59
N ILE B 159 20.25 11.39 5.37
CA ILE B 159 20.60 10.13 6.00
C ILE B 159 19.54 9.75 7.03
N ASN B 160 19.04 10.73 7.79
CA ASN B 160 17.98 10.48 8.75
C ASN B 160 16.72 9.95 8.07
N ALA B 161 16.30 10.58 6.98
CA ALA B 161 15.12 10.12 6.26
C ALA B 161 15.32 8.70 5.73
N ILE B 162 16.37 8.49 4.94
CA ILE B 162 16.58 7.20 4.28
C ILE B 162 16.85 6.07 5.26
N MET B 163 17.47 6.36 6.41
CA MET B 163 17.77 5.31 7.39
C MET B 163 16.58 5.00 8.29
N LEU B 164 15.91 6.04 8.83
CA LEU B 164 14.79 5.79 9.72
C LEU B 164 13.62 5.17 8.97
N GLY B 165 13.34 5.65 7.76
CA GLY B 165 12.28 5.03 6.97
C GLY B 165 12.60 3.60 6.61
N SER B 166 13.88 3.30 6.32
CA SER B 166 14.26 1.94 5.99
C SER B 166 14.14 1.02 7.19
N ILE B 167 14.52 1.50 8.38
CA ILE B 167 14.44 0.62 9.54
C ILE B 167 12.98 0.42 9.97
N PHE B 168 12.11 1.41 9.73
CA PHE B 168 10.72 1.21 10.04
C PHE B 168 10.05 0.28 9.03
N MET B 169 10.41 0.41 7.76
CA MET B 169 9.92 -0.50 6.73
C MET B 169 10.42 -1.92 6.97
N LYS B 170 11.62 -2.06 7.54
CA LYS B 170 12.14 -3.38 7.84
C LYS B 170 11.40 -4.00 9.02
N THR B 171 11.21 -3.24 10.09
CA THR B 171 10.52 -3.82 11.25
C THR B 171 9.01 -3.90 11.03
N ALA B 172 8.49 -3.33 9.95
CA ALA B 172 7.06 -3.32 9.70
C ALA B 172 6.64 -4.20 8.52
N GLN B 173 7.56 -4.94 7.91
CA GLN B 173 7.19 -5.77 6.78
C GLN B 173 6.39 -6.97 7.25
N ALA B 174 5.47 -7.41 6.40
CA ALA B 174 4.40 -8.31 6.79
C ALA B 174 4.72 -9.78 6.56
N HIS B 175 5.96 -10.11 6.21
CA HIS B 175 6.31 -11.52 6.08
C HIS B 175 6.41 -12.24 7.41
N ARG B 176 6.38 -11.51 8.52
CA ARG B 176 6.33 -12.14 9.84
C ARG B 176 4.91 -12.47 10.27
N ARG B 177 3.91 -11.80 9.69
CA ARG B 177 2.50 -12.13 9.94
C ARG B 177 2.17 -13.56 9.56
N ALA B 178 2.92 -14.15 8.62
CA ALA B 178 2.77 -15.55 8.26
C ALA B 178 3.10 -16.50 9.40
N GLU B 179 3.73 -16.03 10.48
CA GLU B 179 4.00 -16.91 11.62
C GLU B 179 2.72 -17.26 12.37
N THR B 180 1.70 -16.40 12.30
CA THR B 180 0.43 -16.65 12.96
C THR B 180 -0.65 -17.09 11.99
N LEU B 181 -0.26 -17.60 10.84
CA LEU B 181 -1.19 -18.21 9.87
C LEU B 181 -0.81 -19.68 9.80
N ILE B 182 -1.53 -20.51 10.53
CA ILE B 182 -1.15 -21.91 10.64
C ILE B 182 -1.87 -22.69 9.56
N PHE B 183 -1.24 -23.76 9.09
CA PHE B 183 -1.86 -24.69 8.17
C PHE B 183 -1.97 -26.04 8.85
N SER B 184 -2.73 -26.93 8.22
CA SER B 184 -2.79 -28.30 8.70
C SER B 184 -1.46 -28.99 8.48
N LYS B 185 -1.05 -29.77 9.48
CA LYS B 185 0.21 -30.50 9.35
C LYS B 185 0.10 -31.61 8.32
N HIS B 186 -1.06 -32.22 8.21
CA HIS B 186 -1.35 -33.21 7.18
C HIS B 186 -2.56 -32.76 6.39
N ALA B 187 -2.54 -33.02 5.08
CA ALA B 187 -3.72 -32.85 4.25
C ALA B 187 -4.35 -34.21 4.00
N VAL B 188 -5.63 -34.20 3.65
CA VAL B 188 -6.37 -35.44 3.47
C VAL B 188 -6.96 -35.47 2.07
N ILE B 189 -7.38 -36.66 1.65
CA ILE B 189 -8.15 -36.86 0.43
C ILE B 189 -9.36 -37.68 0.79
N ALA B 190 -10.54 -37.10 0.66
CA ALA B 190 -11.75 -37.73 1.19
C ALA B 190 -12.91 -37.56 0.23
N LEU B 191 -13.91 -38.40 0.42
CA LEU B 191 -15.15 -38.30 -0.35
C LEU B 191 -15.94 -37.10 0.14
N ARG B 192 -16.18 -36.15 -0.75
CA ARG B 192 -17.08 -35.03 -0.49
C ARG B 192 -18.04 -34.92 -1.66
N HIS B 193 -19.34 -35.03 -1.37
CA HIS B 193 -20.43 -34.85 -2.33
C HIS B 193 -20.30 -35.79 -3.53
N GLY B 194 -19.84 -37.02 -3.30
CA GLY B 194 -19.69 -37.99 -4.35
C GLY B 194 -18.38 -37.90 -5.10
N ARG B 195 -17.59 -36.85 -4.91
CA ARG B 195 -16.30 -36.73 -5.57
C ARG B 195 -15.20 -36.98 -4.55
N LEU B 196 -13.97 -37.09 -5.05
CA LEU B 196 -12.80 -37.09 -4.19
C LEU B 196 -12.25 -35.68 -4.13
N CYS B 197 -11.92 -35.23 -2.93
CA CYS B 197 -11.45 -33.88 -2.73
C CYS B 197 -10.19 -33.89 -1.89
N PHE B 198 -9.22 -33.06 -2.30
CA PHE B 198 -8.00 -32.84 -1.55
C PHE B 198 -8.26 -31.68 -0.60
N MET B 199 -8.27 -31.96 0.70
CA MET B 199 -8.66 -31.00 1.71
C MET B 199 -7.51 -30.73 2.67
N LEU B 200 -7.48 -29.50 3.17
CA LEU B 200 -6.52 -29.10 4.19
C LEU B 200 -7.18 -28.02 5.03
N ARG B 201 -6.52 -27.63 6.11
CA ARG B 201 -7.12 -26.70 7.06
C ARG B 201 -6.15 -25.57 7.35
N VAL B 202 -6.60 -24.33 7.17
CA VAL B 202 -5.80 -23.14 7.41
C VAL B 202 -6.51 -22.29 8.46
N GLY B 203 -5.77 -21.86 9.47
CA GLY B 203 -6.32 -21.08 10.55
C GLY B 203 -5.56 -19.79 10.80
N ASP B 204 -6.31 -18.76 11.17
CA ASP B 204 -5.74 -17.49 11.60
C ASP B 204 -5.70 -17.47 13.12
N LEU B 205 -4.55 -17.09 13.67
CA LEU B 205 -4.31 -17.28 15.10
C LEU B 205 -4.64 -16.06 15.95
N ARG B 206 -4.89 -14.90 15.35
CA ARG B 206 -5.14 -13.70 16.13
C ARG B 206 -6.45 -13.06 15.69
N LYS B 207 -6.81 -11.99 16.41
CA LYS B 207 -8.11 -11.35 16.21
C LYS B 207 -8.17 -10.60 14.89
N SER B 208 -7.10 -9.89 14.53
CA SER B 208 -7.11 -9.02 13.36
C SER B 208 -7.20 -9.85 12.08
N MET B 209 -8.14 -9.48 11.21
CA MET B 209 -8.38 -10.21 9.99
C MET B 209 -7.26 -9.98 9.00
N ILE B 210 -7.25 -10.78 7.95
CA ILE B 210 -6.39 -10.60 6.79
C ILE B 210 -7.30 -10.32 5.59
N ILE B 211 -7.19 -9.12 5.05
CA ILE B 211 -8.16 -8.58 4.11
C ILE B 211 -7.86 -9.11 2.71
N SER B 212 -8.91 -9.54 2.00
CA SER B 212 -8.83 -10.03 0.62
C SER B 212 -7.88 -11.21 0.50
N ALA B 213 -8.06 -12.18 1.40
CA ALA B 213 -7.22 -13.36 1.41
C ALA B 213 -7.58 -14.26 0.24
N THR B 214 -6.57 -14.66 -0.54
CA THR B 214 -6.74 -15.57 -1.65
C THR B 214 -5.84 -16.78 -1.47
N ILE B 215 -6.29 -17.90 -2.00
CA ILE B 215 -5.59 -19.18 -1.87
C ILE B 215 -5.24 -19.67 -3.27
N HIS B 216 -3.97 -19.98 -3.49
CA HIS B 216 -3.51 -20.59 -4.72
C HIS B 216 -2.81 -21.89 -4.37
N MET B 217 -3.37 -23.01 -4.81
CA MET B 217 -2.74 -24.30 -4.64
C MET B 217 -2.13 -24.74 -5.95
N GLN B 218 -0.92 -25.31 -5.86
CA GLN B 218 -0.16 -25.69 -7.04
C GLN B 218 0.39 -27.09 -6.86
N VAL B 219 0.09 -27.98 -7.79
CA VAL B 219 0.74 -29.28 -7.84
C VAL B 219 2.08 -29.12 -8.53
N VAL B 220 3.17 -29.43 -7.84
CA VAL B 220 4.52 -29.27 -8.33
C VAL B 220 5.13 -30.66 -8.43
N ARG B 221 5.57 -31.02 -9.63
CA ARG B 221 6.23 -32.29 -9.87
C ARG B 221 6.98 -32.21 -11.19
N LYS B 222 7.71 -33.27 -11.51
CA LYS B 222 8.40 -33.36 -12.79
C LYS B 222 7.43 -33.92 -13.82
N THR B 223 7.23 -33.18 -14.91
CA THR B 223 6.32 -33.60 -15.97
C THR B 223 7.07 -33.76 -17.27
N THR B 224 6.58 -34.66 -18.11
CA THR B 224 7.13 -34.89 -19.43
C THR B 224 6.03 -34.70 -20.46
N SER B 225 6.23 -33.75 -21.37
CA SER B 225 5.26 -33.50 -22.41
C SER B 225 5.23 -34.67 -23.38
N PRO B 226 4.10 -34.88 -24.07
CA PRO B 226 4.03 -35.97 -25.06
C PRO B 226 4.98 -35.76 -26.24
N GLU B 227 5.44 -34.54 -26.49
CA GLU B 227 6.42 -34.28 -27.53
C GLU B 227 7.85 -34.52 -27.07
N GLY B 228 8.04 -34.90 -25.81
CA GLY B 228 9.37 -35.19 -25.28
C GLY B 228 9.94 -34.13 -24.37
N GLU B 229 9.25 -33.01 -24.18
CA GLU B 229 9.76 -31.92 -23.35
C GLU B 229 9.62 -32.29 -21.89
N VAL B 230 10.73 -32.26 -21.15
CA VAL B 230 10.75 -32.59 -19.73
C VAL B 230 10.89 -31.29 -18.95
N VAL B 231 9.85 -30.95 -18.19
CA VAL B 231 9.89 -29.80 -17.28
C VAL B 231 10.26 -30.34 -15.90
N PRO B 232 11.38 -29.93 -15.32
CA PRO B 232 11.86 -30.57 -14.09
C PRO B 232 11.03 -30.23 -12.87
N LEU B 233 10.59 -28.98 -12.77
CA LEU B 233 9.74 -28.54 -11.65
C LEU B 233 8.56 -27.80 -12.24
N HIS B 234 7.54 -28.56 -12.66
CA HIS B 234 6.34 -27.99 -13.25
C HIS B 234 5.34 -27.71 -12.14
N GLN B 235 4.77 -26.50 -12.16
CA GLN B 235 3.79 -26.05 -11.19
C GLN B 235 2.48 -25.81 -11.92
N VAL B 236 1.51 -26.70 -11.70
CA VAL B 236 0.20 -26.60 -12.33
C VAL B 236 -0.81 -26.17 -11.28
N ASP B 237 -1.55 -25.10 -11.57
CA ASP B 237 -2.52 -24.57 -10.63
C ASP B 237 -3.71 -25.51 -10.54
N ILE B 238 -4.09 -25.91 -9.34
CA ILE B 238 -5.32 -26.64 -9.09
C ILE B 238 -6.34 -25.65 -8.55
N PRO B 239 -7.55 -25.58 -9.12
CA PRO B 239 -8.51 -24.57 -8.70
C PRO B 239 -9.15 -24.96 -7.36
N MET B 240 -9.13 -24.03 -6.42
CA MET B 240 -9.80 -24.22 -5.14
C MET B 240 -11.30 -24.14 -5.33
N GLU B 241 -12.01 -25.17 -4.87
CA GLU B 241 -13.47 -25.17 -4.96
C GLU B 241 -14.02 -24.15 -3.97
N ASN B 242 -14.75 -23.17 -4.48
CA ASN B 242 -15.20 -22.05 -3.65
C ASN B 242 -16.70 -21.85 -3.74
N GLY B 243 -17.29 -22.22 -4.87
CA GLY B 243 -18.71 -22.00 -5.09
C GLY B 243 -18.94 -21.01 -6.20
N VAL B 244 -18.11 -19.98 -6.26
CA VAL B 244 -18.17 -18.99 -7.33
C VAL B 244 -17.03 -19.12 -8.32
N GLY B 245 -16.05 -19.98 -8.06
CA GLY B 245 -14.93 -20.16 -8.94
C GLY B 245 -13.72 -19.34 -8.55
N GLY B 246 -13.96 -18.11 -8.12
CA GLY B 246 -12.85 -17.25 -7.70
C GLY B 246 -12.25 -17.73 -6.40
N ASN B 247 -10.94 -17.56 -6.28
CA ASN B 247 -10.20 -17.97 -5.09
C ASN B 247 -10.13 -16.79 -4.13
N SER B 248 -11.08 -16.72 -3.20
CA SER B 248 -11.12 -15.66 -2.21
C SER B 248 -11.84 -16.19 -0.98
N ILE B 249 -11.14 -16.21 0.15
CA ILE B 249 -11.68 -16.78 1.37
C ILE B 249 -11.91 -15.67 2.39
N PHE B 250 -12.71 -16.00 3.40
CA PHE B 250 -12.95 -15.11 4.54
C PHE B 250 -12.49 -15.88 5.77
N LEU B 251 -11.29 -15.59 6.24
CA LEU B 251 -10.62 -16.40 7.26
C LEU B 251 -10.86 -15.78 8.62
N VAL B 252 -11.81 -16.35 9.37
CA VAL B 252 -12.00 -16.01 10.78
C VAL B 252 -11.86 -17.29 11.58
N ALA B 253 -12.75 -18.23 11.33
CA ALA B 253 -12.59 -19.57 11.87
C ALA B 253 -11.71 -20.39 10.93
N PRO B 254 -10.96 -21.36 11.46
CA PRO B 254 -10.18 -22.23 10.58
C PRO B 254 -11.08 -23.07 9.69
N LEU B 255 -11.03 -22.82 8.40
CA LEU B 255 -11.93 -23.44 7.43
C LEU B 255 -11.15 -24.40 6.55
N ILE B 256 -11.86 -25.42 6.07
CA ILE B 256 -11.27 -26.49 5.28
C ILE B 256 -11.24 -26.07 3.83
N ILE B 257 -10.05 -25.78 3.32
CA ILE B 257 -9.84 -25.47 1.91
C ILE B 257 -9.72 -26.79 1.17
N TYR B 258 -10.56 -26.99 0.16
CA TYR B 258 -10.57 -28.25 -0.56
C TYR B 258 -10.65 -28.00 -2.06
N HIS B 259 -10.05 -28.93 -2.81
CA HIS B 259 -10.05 -28.89 -4.26
C HIS B 259 -10.67 -30.20 -4.76
N VAL B 260 -11.70 -30.08 -5.59
CA VAL B 260 -12.41 -31.24 -6.09
C VAL B 260 -11.59 -31.87 -7.20
N ILE B 261 -11.26 -33.15 -7.06
CA ILE B 261 -10.46 -33.85 -8.05
C ILE B 261 -11.39 -34.18 -9.21
N ASP B 262 -11.39 -33.32 -10.22
CA ASP B 262 -12.24 -33.46 -11.39
C ASP B 262 -11.42 -34.06 -12.52
N ALA B 263 -12.02 -34.17 -13.71
CA ALA B 263 -11.31 -34.67 -14.87
C ALA B 263 -10.22 -33.72 -15.33
N ASN B 264 -10.36 -32.43 -15.06
CA ASN B 264 -9.34 -31.45 -15.41
C ASN B 264 -8.28 -31.28 -14.34
N SER B 265 -8.29 -32.12 -13.31
CA SER B 265 -7.31 -31.92 -12.26
C SER B 265 -6.14 -32.88 -12.42
N PRO B 266 -4.92 -32.42 -12.17
CA PRO B 266 -3.75 -33.29 -12.30
C PRO B 266 -3.68 -34.41 -11.29
N LEU B 267 -4.50 -34.39 -10.24
CA LEU B 267 -4.62 -35.50 -9.32
C LEU B 267 -5.63 -36.54 -9.79
N TYR B 268 -6.16 -36.38 -11.00
CA TYR B 268 -7.22 -37.25 -11.52
C TYR B 268 -6.78 -38.70 -11.66
N ASP B 269 -5.47 -38.97 -11.69
CA ASP B 269 -4.95 -40.32 -11.73
C ASP B 269 -4.15 -40.68 -10.49
N LEU B 270 -4.35 -39.93 -9.40
CA LEU B 270 -3.62 -40.20 -8.17
C LEU B 270 -4.23 -41.38 -7.43
N ALA B 271 -3.39 -42.31 -7.01
CA ALA B 271 -3.73 -43.57 -6.37
C ALA B 271 -3.53 -43.49 -4.87
N PRO B 272 -4.24 -44.30 -4.08
CA PRO B 272 -3.97 -44.32 -2.63
C PRO B 272 -2.63 -44.96 -2.30
N SER B 273 -2.11 -45.81 -3.18
CA SER B 273 -0.79 -46.39 -2.99
C SER B 273 0.32 -45.51 -3.52
N ASP B 274 -0.02 -44.47 -4.27
CA ASP B 274 0.96 -43.52 -4.76
C ASP B 274 1.35 -42.48 -3.72
N LEU B 275 0.73 -42.51 -2.55
CA LEU B 275 1.04 -41.55 -1.50
C LEU B 275 2.12 -42.08 -0.54
N HIS B 276 3.22 -42.55 -1.10
CA HIS B 276 4.38 -42.95 -0.32
C HIS B 276 5.44 -41.85 -0.42
N HIS B 277 6.46 -41.98 0.43
CA HIS B 277 7.61 -41.11 0.26
C HIS B 277 8.40 -41.54 -0.97
N HIS B 278 9.32 -40.68 -1.40
CA HIS B 278 10.05 -40.80 -2.66
C HIS B 278 9.08 -40.92 -3.83
N GLN B 279 8.07 -40.05 -3.84
CA GLN B 279 7.11 -39.94 -4.92
C GLN B 279 7.13 -38.50 -5.43
N ASP B 280 7.35 -38.34 -6.73
CA ASP B 280 7.51 -37.02 -7.32
C ASP B 280 6.14 -36.34 -7.40
N LEU B 281 5.74 -35.75 -6.28
CA LEU B 281 4.47 -35.04 -6.17
C LEU B 281 4.53 -34.18 -4.93
N GLU B 282 4.21 -32.90 -5.06
CA GLU B 282 4.21 -32.01 -3.91
C GLU B 282 3.21 -30.89 -4.13
N ILE B 283 2.26 -30.74 -3.22
CA ILE B 283 1.21 -29.73 -3.38
C ILE B 283 1.55 -28.56 -2.47
N ILE B 284 1.82 -27.40 -3.04
CA ILE B 284 2.13 -26.20 -2.27
C ILE B 284 0.90 -25.32 -2.22
N VAL B 285 0.74 -24.62 -1.10
CA VAL B 285 -0.41 -23.76 -0.86
C VAL B 285 0.11 -22.37 -0.55
N ILE B 286 -0.45 -21.36 -1.20
CA ILE B 286 -0.01 -19.98 -1.06
C ILE B 286 -1.22 -19.15 -0.69
N LEU B 287 -1.27 -18.67 0.55
CA LEU B 287 -2.33 -17.79 1.01
C LEU B 287 -1.78 -16.37 1.09
N GLU B 288 -2.39 -15.46 0.35
CA GLU B 288 -1.89 -14.09 0.31
C GLU B 288 -3.01 -13.11 0.55
N GLY B 289 -2.74 -12.10 1.36
CA GLY B 289 -3.76 -11.12 1.67
C GLY B 289 -3.14 -9.83 2.15
N VAL B 290 -3.97 -8.98 2.72
CA VAL B 290 -3.53 -7.70 3.28
C VAL B 290 -3.76 -7.74 4.78
N VAL B 291 -2.71 -7.46 5.55
CA VAL B 291 -2.85 -7.39 7.00
C VAL B 291 -3.67 -6.16 7.35
N GLU B 292 -4.66 -6.35 8.23
CA GLU B 292 -5.57 -5.26 8.54
C GLU B 292 -4.89 -4.17 9.37
N THR B 293 -3.99 -4.56 10.27
CA THR B 293 -3.35 -3.58 11.14
C THR B 293 -2.34 -2.73 10.38
N THR B 294 -1.37 -3.37 9.73
CA THR B 294 -0.30 -2.62 9.06
C THR B 294 -0.69 -2.12 7.68
N GLY B 295 -1.32 -2.97 6.87
CA GLY B 295 -1.71 -2.60 5.52
C GLY B 295 -0.79 -3.11 4.43
N ILE B 296 0.28 -3.81 4.80
CA ILE B 296 1.23 -4.36 3.83
C ILE B 296 0.79 -5.76 3.45
N THR B 297 0.82 -6.05 2.15
CA THR B 297 0.43 -7.35 1.63
C THR B 297 1.37 -8.44 2.12
N THR B 298 0.80 -9.47 2.73
CA THR B 298 1.54 -10.61 3.25
C THR B 298 1.20 -11.86 2.45
N GLN B 299 2.06 -12.86 2.61
CA GLN B 299 1.89 -14.14 1.93
C GLN B 299 2.48 -15.24 2.79
N ALA B 300 1.63 -16.15 3.26
CA ALA B 300 2.05 -17.38 3.89
C ALA B 300 2.03 -18.50 2.86
N ARG B 301 2.86 -19.51 3.07
CA ARG B 301 2.90 -20.63 2.15
C ARG B 301 3.32 -21.89 2.90
N THR B 302 2.84 -23.02 2.41
CA THR B 302 3.16 -24.30 3.01
C THR B 302 3.24 -25.33 1.89
N SER B 303 3.58 -26.56 2.27
CA SER B 303 3.81 -27.61 1.30
C SER B 303 3.40 -28.95 1.89
N TYR B 304 2.95 -29.84 1.01
CA TYR B 304 2.54 -31.17 1.40
C TYR B 304 3.20 -32.16 0.45
N LEU B 305 4.09 -32.99 0.99
CA LEU B 305 4.69 -34.06 0.21
C LEU B 305 3.69 -35.19 0.04
N ALA B 306 4.11 -36.23 -0.68
CA ALA B 306 3.19 -37.33 -0.94
C ALA B 306 2.93 -38.19 0.29
N ASP B 307 3.79 -38.13 1.30
CA ASP B 307 3.55 -38.88 2.53
C ASP B 307 2.78 -38.09 3.58
N GLU B 308 2.66 -36.77 3.41
CA GLU B 308 1.87 -35.95 4.29
C GLU B 308 0.43 -35.80 3.81
N ILE B 309 0.03 -36.58 2.82
CA ILE B 309 -1.34 -36.58 2.31
C ILE B 309 -1.97 -37.90 2.73
N LEU B 310 -2.97 -37.82 3.58
CA LEU B 310 -3.60 -39.01 4.18
C LEU B 310 -4.83 -39.38 3.36
N TRP B 311 -4.72 -40.47 2.61
CA TRP B 311 -5.87 -40.97 1.87
C TRP B 311 -6.86 -41.61 2.84
N GLY B 312 -8.14 -41.37 2.60
CA GLY B 312 -9.17 -42.00 3.40
C GLY B 312 -9.31 -41.48 4.80
N GLN B 313 -9.10 -40.18 5.00
CA GLN B 313 -9.30 -39.55 6.29
C GLN B 313 -9.98 -38.21 6.09
N ARG B 314 -10.55 -37.68 7.17
CA ARG B 314 -11.14 -36.35 7.10
C ARG B 314 -10.95 -35.66 8.44
N PHE B 315 -11.04 -34.34 8.42
CA PHE B 315 -10.79 -33.57 9.63
C PHE B 315 -11.94 -33.70 10.61
N VAL B 316 -11.64 -33.40 11.87
CA VAL B 316 -12.66 -33.39 12.90
C VAL B 316 -13.21 -31.97 13.03
N PRO B 317 -14.50 -31.80 13.30
CA PRO B 317 -15.04 -30.45 13.51
C PRO B 317 -14.55 -29.88 14.83
N ILE B 318 -13.98 -28.67 14.77
CA ILE B 318 -13.43 -28.03 15.96
C ILE B 318 -14.18 -26.77 16.36
N VAL B 319 -15.14 -26.32 15.56
CA VAL B 319 -15.95 -25.16 15.90
C VAL B 319 -17.14 -25.63 16.72
N ALA B 320 -17.39 -24.96 17.84
CA ALA B 320 -18.51 -25.30 18.70
C ALA B 320 -19.04 -24.05 19.36
N GLU B 321 -20.36 -23.98 19.51
CA GLU B 321 -20.99 -22.84 20.17
C GLU B 321 -20.98 -23.05 21.68
N GLU B 322 -20.46 -22.06 22.41
CA GLU B 322 -20.58 -22.03 23.86
C GLU B 322 -20.97 -20.63 24.30
N ASP B 323 -21.91 -20.56 25.25
CA ASP B 323 -22.43 -19.35 25.90
C ASP B 323 -22.69 -18.16 24.97
N GLY B 324 -23.16 -18.44 23.76
CA GLY B 324 -23.51 -17.37 22.83
C GLY B 324 -22.39 -16.93 21.91
N ARG B 325 -21.23 -17.56 21.97
CA ARG B 325 -20.14 -17.28 21.06
C ARG B 325 -19.70 -18.59 20.41
N TYR B 326 -18.87 -18.46 19.38
CA TYR B 326 -18.26 -19.62 18.76
C TYR B 326 -16.84 -19.78 19.28
N SER B 327 -16.39 -21.03 19.36
CA SER B 327 -15.08 -21.35 19.92
C SER B 327 -14.44 -22.42 19.08
N VAL B 328 -13.16 -22.24 18.76
CA VAL B 328 -12.39 -23.20 18.01
C VAL B 328 -11.34 -23.81 18.93
N ASP B 329 -11.27 -25.13 18.95
CA ASP B 329 -10.30 -25.84 19.77
C ASP B 329 -9.05 -26.06 18.92
N TYR B 330 -8.11 -25.13 19.01
CA TYR B 330 -6.91 -25.18 18.18
C TYR B 330 -5.98 -26.33 18.52
N SER B 331 -6.20 -27.02 19.65
CA SER B 331 -5.48 -28.25 19.91
C SER B 331 -5.92 -29.39 19.02
N LYS B 332 -7.17 -29.37 18.56
CA LYS B 332 -7.70 -30.37 17.64
C LYS B 332 -7.52 -29.96 16.18
N PHE B 333 -6.53 -29.11 15.89
CA PHE B 333 -6.41 -28.52 14.57
C PHE B 333 -6.07 -29.56 13.50
N ASP B 334 -5.09 -30.41 13.77
CA ASP B 334 -4.62 -31.38 12.79
C ASP B 334 -5.11 -32.79 13.08
N ASN B 335 -6.09 -32.96 13.96
CA ASN B 335 -6.63 -34.28 14.21
C ASN B 335 -7.53 -34.70 13.05
N THR B 336 -7.46 -35.99 12.70
CA THR B 336 -8.26 -36.53 11.61
C THR B 336 -8.88 -37.84 12.06
N VAL B 337 -9.80 -38.35 11.23
CA VAL B 337 -10.50 -39.60 11.49
C VAL B 337 -10.54 -40.40 10.19
N LYS B 338 -10.23 -41.69 10.29
CA LYS B 338 -10.22 -42.59 9.14
C LYS B 338 -11.65 -42.93 8.76
N VAL B 339 -12.15 -42.29 7.71
CA VAL B 339 -13.49 -42.57 7.18
C VAL B 339 -13.35 -43.48 5.97
N PRO B 340 -14.35 -44.29 5.64
CA PRO B 340 -14.21 -45.20 4.50
C PRO B 340 -14.32 -44.47 3.18
N THR B 341 -13.26 -44.52 2.39
CA THR B 341 -13.23 -44.04 1.02
C THR B 341 -12.81 -45.21 0.16
N PRO B 342 -13.12 -45.20 -1.15
CA PRO B 342 -12.64 -46.27 -2.00
C PRO B 342 -11.14 -46.17 -2.21
N LEU B 343 -10.49 -47.32 -2.36
CA LEU B 343 -9.05 -47.36 -2.64
C LEU B 343 -8.83 -47.51 -4.15
N CYS B 344 -9.16 -46.44 -4.86
CA CYS B 344 -8.97 -46.41 -6.31
C CYS B 344 -8.82 -44.95 -6.73
N THR B 345 -8.32 -44.75 -7.94
CA THR B 345 -8.08 -43.40 -8.44
C THR B 345 -9.40 -42.73 -8.75
N ALA B 346 -9.35 -41.41 -8.93
CA ALA B 346 -10.54 -40.66 -9.27
C ALA B 346 -11.08 -41.01 -10.64
N ARG B 347 -10.23 -41.48 -11.55
CA ARG B 347 -10.70 -41.89 -12.87
C ARG B 347 -11.53 -43.16 -12.79
N GLN B 348 -10.98 -44.21 -12.18
CA GLN B 348 -11.74 -45.44 -12.01
C GLN B 348 -12.74 -45.36 -10.86
N LEU B 349 -12.88 -44.18 -10.24
CA LEU B 349 -14.07 -43.90 -9.44
C LEU B 349 -15.15 -43.23 -10.29
N ASP B 350 -14.75 -42.30 -11.16
CA ASP B 350 -15.69 -41.65 -12.08
C ASP B 350 -16.35 -42.65 -13.01
N GLU B 351 -15.58 -43.59 -13.54
CA GLU B 351 -16.14 -44.75 -14.23
C GLU B 351 -15.91 -45.99 -13.38
N ASP B 352 -17.02 -46.52 -12.85
CA ASP B 352 -17.07 -47.59 -11.85
C ASP B 352 -16.28 -47.23 -10.60
N ARG C 32 10.99 -2.34 -36.78
CA ARG C 32 11.98 -1.31 -37.08
C ARG C 32 12.04 -0.28 -35.97
N ALA C 33 10.94 -0.14 -35.24
CA ALA C 33 10.87 0.73 -34.07
C ALA C 33 9.98 0.03 -33.04
N ARG C 34 10.58 -0.35 -31.92
CA ARG C 34 9.86 -1.19 -30.96
C ARG C 34 9.08 -0.34 -29.96
N PHE C 35 7.96 -0.90 -29.53
CA PHE C 35 7.09 -0.23 -28.55
C PHE C 35 7.76 -0.18 -27.18
N VAL C 36 8.16 -1.33 -26.66
CA VAL C 36 8.84 -1.43 -25.38
C VAL C 36 10.26 -1.92 -25.64
N SER C 37 11.23 -1.35 -24.93
CA SER C 37 12.60 -1.82 -25.02
C SER C 37 12.73 -3.16 -24.30
N LYS C 38 13.91 -3.79 -24.44
CA LYS C 38 14.15 -5.05 -23.76
C LYS C 38 14.26 -4.88 -22.25
N LYS C 39 14.60 -3.69 -21.78
CA LYS C 39 14.69 -3.42 -20.36
C LYS C 39 13.39 -2.89 -19.77
N GLY C 40 12.39 -2.62 -20.60
CA GLY C 40 11.10 -2.15 -20.12
C GLY C 40 10.81 -0.70 -20.40
N ASN C 41 11.73 0.04 -20.99
CA ASN C 41 11.49 1.45 -21.30
C ASN C 41 10.54 1.54 -22.49
N CYS C 42 9.54 2.41 -22.38
CA CYS C 42 8.56 2.60 -23.44
C CYS C 42 9.05 3.68 -24.40
N ASN C 43 8.97 3.38 -25.70
CA ASN C 43 9.44 4.31 -26.73
C ASN C 43 8.27 5.13 -27.26
N VAL C 44 7.76 6.01 -26.39
CA VAL C 44 6.68 6.91 -26.75
C VAL C 44 7.16 8.35 -26.54
N ALA C 45 6.54 9.27 -27.28
CA ALA C 45 7.02 10.65 -27.33
C ALA C 45 6.14 11.65 -26.61
N HIS C 46 4.81 11.47 -26.64
CA HIS C 46 3.84 12.38 -26.01
C HIS C 46 3.97 13.79 -26.57
N LYS C 47 3.68 13.91 -27.86
CA LYS C 47 3.76 15.20 -28.54
C LYS C 47 2.51 16.03 -28.32
N ASN C 48 2.71 17.35 -28.29
CA ASN C 48 1.63 18.35 -28.36
C ASN C 48 0.64 18.23 -27.21
N ILE C 49 1.17 18.06 -26.00
CA ILE C 49 0.35 18.06 -24.80
C ILE C 49 -0.11 19.49 -24.57
N ARG C 50 -1.38 19.77 -24.89
CA ARG C 50 -1.86 21.13 -24.83
C ARG C 50 -2.20 21.56 -23.40
N GLU C 51 -2.90 20.69 -22.65
CA GLU C 51 -3.36 21.02 -21.31
C GLU C 51 -2.20 20.86 -20.33
N GLN C 52 -1.26 21.80 -20.40
CA GLN C 52 -0.14 21.82 -19.47
C GLN C 52 -0.52 22.36 -18.10
N GLY C 53 -1.73 22.91 -17.97
CA GLY C 53 -2.16 23.44 -16.69
C GLY C 53 -2.50 22.39 -15.66
N ARG C 54 -2.96 21.22 -16.10
CA ARG C 54 -3.27 20.15 -15.17
C ARG C 54 -2.02 19.45 -14.64
N PHE C 55 -0.86 19.71 -15.23
CA PHE C 55 0.38 19.19 -14.67
C PHE C 55 0.72 19.86 -13.36
N LEU C 56 0.26 21.09 -13.15
CA LEU C 56 0.47 21.80 -11.91
C LEU C 56 -0.59 21.49 -10.87
N GLN C 57 -1.56 20.65 -11.19
CA GLN C 57 -2.56 20.26 -10.21
C GLN C 57 -2.10 19.10 -9.34
N ASP C 58 -1.11 18.34 -9.78
CA ASP C 58 -0.47 17.33 -8.95
C ASP C 58 1.03 17.64 -8.93
N VAL C 59 1.43 18.51 -8.00
CA VAL C 59 2.83 18.89 -7.92
C VAL C 59 3.66 17.77 -7.31
N PHE C 60 3.05 16.95 -6.44
CA PHE C 60 3.80 15.91 -5.75
C PHE C 60 4.21 14.77 -6.68
N THR C 61 3.34 14.42 -7.63
CA THR C 61 3.69 13.37 -8.59
C THR C 61 4.85 13.81 -9.47
N THR C 62 4.85 15.08 -9.91
CA THR C 62 5.97 15.62 -10.66
C THR C 62 7.23 15.72 -9.80
N LEU C 63 7.08 16.01 -8.51
CA LEU C 63 8.24 16.13 -7.63
C LEU C 63 8.91 14.77 -7.42
N VAL C 64 8.11 13.72 -7.18
CA VAL C 64 8.69 12.39 -7.05
C VAL C 64 9.20 11.88 -8.39
N ASP C 65 8.54 12.24 -9.49
CA ASP C 65 8.83 11.78 -10.83
C ASP C 65 10.12 12.36 -11.42
N LEU C 66 10.87 13.17 -10.69
CA LEU C 66 12.06 13.79 -11.24
C LEU C 66 13.23 12.81 -11.27
N LYS C 67 14.30 13.23 -11.94
CA LYS C 67 15.56 12.52 -11.87
C LYS C 67 16.22 12.78 -10.52
N TRP C 68 17.26 12.01 -10.24
CA TRP C 68 17.95 12.15 -8.96
C TRP C 68 18.77 13.43 -8.81
N PRO C 69 19.49 13.94 -9.84
CA PRO C 69 20.09 15.27 -9.67
C PRO C 69 19.08 16.37 -9.43
N HIS C 70 17.95 16.36 -10.13
CA HIS C 70 16.92 17.36 -9.88
C HIS C 70 16.30 17.19 -8.50
N THR C 71 16.18 15.94 -8.03
CA THR C 71 15.61 15.71 -6.70
C THR C 71 16.54 16.24 -5.61
N LEU C 72 17.84 15.95 -5.72
CA LEU C 72 18.78 16.50 -4.74
C LEU C 72 18.86 18.01 -4.83
N LEU C 73 18.78 18.57 -6.04
CA LEU C 73 18.82 20.02 -6.20
C LEU C 73 17.61 20.68 -5.55
N ILE C 74 16.41 20.15 -5.78
CA ILE C 74 15.21 20.74 -5.19
C ILE C 74 15.15 20.52 -3.68
N PHE C 75 15.64 19.38 -3.18
CA PHE C 75 15.77 19.17 -1.73
C PHE C 75 16.65 20.24 -1.09
N THR C 76 17.90 20.34 -1.58
CA THR C 76 18.86 21.30 -1.04
C THR C 76 18.37 22.73 -1.21
N MET C 77 17.77 23.05 -2.36
CA MET C 77 17.29 24.39 -2.61
C MET C 77 16.10 24.76 -1.75
N SER C 78 15.18 23.83 -1.50
CA SER C 78 14.05 24.13 -0.63
C SER C 78 14.50 24.42 0.78
N PHE C 79 15.40 23.57 1.32
CA PHE C 79 15.87 23.83 2.68
C PHE C 79 16.70 25.10 2.76
N LEU C 80 17.58 25.33 1.79
CA LEU C 80 18.46 26.49 1.83
C LEU C 80 17.70 27.80 1.63
N CYS C 81 16.72 27.81 0.72
CA CYS C 81 15.95 29.02 0.53
C CYS C 81 14.98 29.28 1.68
N SER C 82 14.48 28.24 2.36
CA SER C 82 13.70 28.49 3.57
C SER C 82 14.57 29.13 4.65
N TRP C 83 15.79 28.60 4.83
CA TRP C 83 16.72 29.20 5.79
C TRP C 83 17.07 30.63 5.41
N LEU C 84 17.26 30.89 4.11
CA LEU C 84 17.64 32.24 3.67
C LEU C 84 16.50 33.22 3.84
N LEU C 85 15.26 32.80 3.54
CA LEU C 85 14.11 33.67 3.71
C LEU C 85 13.90 34.03 5.17
N PHE C 86 13.94 33.04 6.05
CA PHE C 86 13.78 33.39 7.46
C PHE C 86 15.00 34.10 8.03
N ALA C 87 16.18 33.91 7.42
CA ALA C 87 17.34 34.68 7.82
C ALA C 87 17.17 36.16 7.48
N MET C 88 16.62 36.44 6.29
CA MET C 88 16.32 37.81 5.94
C MET C 88 15.25 38.39 6.85
N ALA C 89 14.29 37.57 7.27
CA ALA C 89 13.29 38.03 8.24
C ALA C 89 13.92 38.40 9.58
N TRP C 90 14.78 37.53 10.11
CA TRP C 90 15.45 37.83 11.38
C TRP C 90 16.36 39.04 11.25
N TRP C 91 17.01 39.20 10.10
CA TRP C 91 17.88 40.35 9.89
C TRP C 91 17.07 41.64 9.84
N LEU C 92 15.89 41.60 9.21
CA LEU C 92 15.05 42.79 9.17
C LEU C 92 14.51 43.13 10.56
N ILE C 93 14.20 42.10 11.36
CA ILE C 93 13.76 42.35 12.73
C ILE C 93 14.87 43.00 13.55
N ALA C 94 16.09 42.47 13.44
CA ALA C 94 17.21 43.03 14.18
C ALA C 94 17.56 44.42 13.70
N PHE C 95 17.34 44.71 12.42
CA PHE C 95 17.50 46.07 11.91
C PHE C 95 16.45 47.00 12.52
N ALA C 96 15.18 46.62 12.45
CA ALA C 96 14.10 47.51 12.85
C ALA C 96 14.13 47.77 14.35
N HIS C 97 14.61 46.81 15.13
CA HIS C 97 14.77 47.08 16.56
C HIS C 97 15.97 47.95 16.85
N GLY C 98 16.91 48.07 15.91
CA GLY C 98 18.13 48.80 16.17
C GLY C 98 19.22 47.98 16.84
N ASP C 99 19.21 46.67 16.66
CA ASP C 99 20.20 45.82 17.31
C ASP C 99 21.48 45.71 16.48
N LEU C 100 21.37 45.88 15.16
CA LEU C 100 22.54 45.84 14.31
C LEU C 100 23.46 47.03 14.55
N ALA C 101 22.92 48.15 14.98
CA ALA C 101 23.74 49.30 15.31
C ALA C 101 24.46 49.03 16.62
N PRO C 102 25.79 49.11 16.66
CA PRO C 102 26.52 48.80 17.89
C PRO C 102 26.45 49.88 18.95
N SER C 103 25.68 50.95 18.73
CA SER C 103 25.46 51.93 19.77
C SER C 103 24.55 51.36 20.84
N GLU C 104 25.13 50.65 21.81
CA GLU C 104 24.36 49.97 22.84
C GLU C 104 24.07 50.88 24.02
N GLY C 105 22.87 50.74 24.56
CA GLY C 105 22.52 51.37 25.82
C GLY C 105 22.38 50.33 26.91
N THR C 106 21.13 50.00 27.26
CA THR C 106 20.86 48.91 28.18
C THR C 106 19.73 48.00 27.72
N ALA C 107 19.00 48.35 26.66
CA ALA C 107 17.87 47.56 26.20
C ALA C 107 18.34 46.25 25.59
N GLU C 108 17.59 45.21 25.84
CA GLU C 108 17.95 43.90 25.33
C GLU C 108 17.44 43.72 23.90
N PRO C 109 18.17 42.98 23.07
CA PRO C 109 17.74 42.76 21.69
C PRO C 109 16.58 41.76 21.64
N CYS C 110 15.99 41.63 20.44
CA CYS C 110 15.02 40.56 20.23
C CYS C 110 15.72 39.22 20.22
N VAL C 111 16.78 39.10 19.43
CA VAL C 111 17.65 37.92 19.43
C VAL C 111 19.04 38.37 19.88
N THR C 112 19.62 37.63 20.81
CA THR C 112 20.91 38.00 21.35
C THR C 112 22.03 37.73 20.35
N SER C 113 23.05 38.58 20.41
CA SER C 113 24.31 38.43 19.66
C SER C 113 24.10 38.29 18.16
N ILE C 114 23.16 39.06 17.60
CA ILE C 114 23.02 39.18 16.15
C ILE C 114 23.56 40.55 15.77
N HIS C 115 24.60 40.57 14.94
CA HIS C 115 25.13 41.83 14.44
C HIS C 115 25.55 41.73 12.98
N SER C 116 25.09 40.73 12.26
CA SER C 116 25.41 40.55 10.86
C SER C 116 24.34 39.69 10.21
N PHE C 117 24.28 39.77 8.89
CA PHE C 117 23.41 38.85 8.17
C PHE C 117 23.92 37.42 8.27
N SER C 118 25.23 37.23 8.42
CA SER C 118 25.75 35.90 8.70
C SER C 118 25.27 35.40 10.06
N SER C 119 25.17 36.29 11.05
CA SER C 119 24.62 35.92 12.35
C SER C 119 23.15 35.55 12.21
N ALA C 120 22.39 36.33 11.45
CA ALA C 120 20.98 36.01 11.24
C ALA C 120 20.81 34.70 10.49
N PHE C 121 21.72 34.39 9.57
CA PHE C 121 21.65 33.14 8.82
C PHE C 121 21.97 31.94 9.70
N LEU C 122 23.00 32.05 10.53
CA LEU C 122 23.30 31.00 11.49
C LEU C 122 22.15 30.80 12.47
N PHE C 123 21.51 31.89 12.90
CA PHE C 123 20.38 31.75 13.81
C PHE C 123 19.18 31.11 13.12
N SER C 124 18.94 31.45 11.85
CA SER C 124 17.84 30.82 11.13
C SER C 124 18.09 29.34 10.91
N ILE C 125 19.33 28.95 10.65
CA ILE C 125 19.66 27.54 10.54
C ILE C 125 19.46 26.83 11.88
N GLU C 126 19.90 27.46 12.96
CA GLU C 126 19.72 26.87 14.29
C GLU C 126 18.26 26.71 14.66
N VAL C 127 17.40 27.63 14.22
CA VAL C 127 15.99 27.53 14.54
C VAL C 127 15.31 26.48 13.68
N GLN C 128 15.55 26.50 12.36
CA GLN C 128 14.84 25.60 11.47
C GLN C 128 15.30 24.16 11.60
N VAL C 129 16.61 23.93 11.71
CA VAL C 129 17.13 22.57 11.91
C VAL C 129 16.92 22.11 13.34
N THR C 130 16.53 23.02 14.23
CA THR C 130 16.36 22.80 15.66
C THR C 130 17.65 22.29 16.28
N ILE C 131 18.73 22.99 15.98
CA ILE C 131 19.99 22.77 16.67
C ILE C 131 20.02 23.55 17.98
N GLY C 132 19.90 24.86 17.89
CA GLY C 132 19.80 25.69 19.08
C GLY C 132 21.06 25.74 19.89
N PHE C 133 22.09 26.38 19.36
CA PHE C 133 23.35 26.49 20.09
C PHE C 133 23.19 27.37 21.33
N GLY C 134 22.50 28.49 21.19
CA GLY C 134 22.22 29.33 22.34
C GLY C 134 23.06 30.57 22.47
N GLY C 135 24.08 30.74 21.63
CA GLY C 135 24.73 32.03 21.54
C GLY C 135 23.81 33.08 20.99
N ARG C 136 22.89 32.69 20.11
CA ARG C 136 21.84 33.55 19.59
C ARG C 136 20.51 32.91 19.97
N MET C 137 19.82 33.52 20.93
CA MET C 137 18.55 32.99 21.40
C MET C 137 17.51 34.09 21.40
N VAL C 138 16.25 33.71 21.27
CA VAL C 138 15.15 34.66 21.26
C VAL C 138 14.92 35.17 22.68
N THR C 139 14.91 36.47 22.84
CA THR C 139 14.51 37.08 24.09
C THR C 139 13.05 37.51 24.00
N GLU C 140 12.49 37.91 25.14
CA GLU C 140 11.09 38.28 25.23
C GLU C 140 10.85 39.75 24.96
N GLU C 141 11.83 40.44 24.38
CA GLU C 141 11.70 41.88 24.16
C GLU C 141 10.84 42.17 22.93
N CYS C 142 11.07 41.45 21.85
CA CYS C 142 10.40 41.73 20.59
C CYS C 142 9.21 40.79 20.41
N PRO C 143 7.97 41.27 20.47
CA PRO C 143 6.83 40.39 20.22
C PRO C 143 6.71 39.93 18.78
N LEU C 144 7.30 40.68 17.84
CA LEU C 144 7.31 40.23 16.46
C LEU C 144 8.29 39.07 16.26
N ALA C 145 9.35 39.04 17.06
CA ALA C 145 10.31 37.95 16.97
C ALA C 145 9.69 36.62 17.38
N ILE C 146 8.78 36.64 18.36
CA ILE C 146 8.09 35.41 18.74
C ILE C 146 7.19 34.93 17.62
N LEU C 147 6.54 35.85 16.91
CA LEU C 147 5.72 35.46 15.76
C LEU C 147 6.57 34.89 14.64
N ILE C 148 7.73 35.50 14.39
CA ILE C 148 8.63 34.97 13.37
C ILE C 148 9.14 33.59 13.76
N LEU C 149 9.40 33.37 15.05
CA LEU C 149 9.84 32.06 15.53
C LEU C 149 8.75 31.02 15.35
N ILE C 150 7.49 31.39 15.64
CA ILE C 150 6.38 30.46 15.47
C ILE C 150 6.19 30.10 14.00
N VAL C 151 6.22 31.11 13.12
CA VAL C 151 6.04 30.86 11.69
C VAL C 151 7.19 30.02 11.14
N GLN C 152 8.42 30.30 11.59
CA GLN C 152 9.55 29.52 11.12
C GLN C 152 9.49 28.08 11.60
N ASN C 153 9.03 27.86 12.84
CA ASN C 153 8.90 26.48 13.31
C ASN C 153 7.82 25.72 12.56
N ILE C 154 6.69 26.38 12.27
CA ILE C 154 5.61 25.70 11.54
C ILE C 154 6.03 25.37 10.13
N VAL C 155 6.62 26.34 9.41
CA VAL C 155 7.05 26.10 8.04
C VAL C 155 8.20 25.10 8.01
N GLY C 156 9.07 25.10 9.02
CA GLY C 156 10.13 24.11 9.07
C GLY C 156 9.62 22.71 9.29
N LEU C 157 8.62 22.55 10.15
CA LEU C 157 8.01 21.23 10.35
C LEU C 157 7.32 20.75 9.08
N MET C 158 6.60 21.65 8.40
CA MET C 158 5.94 21.28 7.16
C MET C 158 6.92 20.89 6.07
N ILE C 159 7.98 21.68 5.90
CA ILE C 159 8.99 21.40 4.89
C ILE C 159 9.72 20.11 5.21
N ASN C 160 10.03 19.89 6.49
CA ASN C 160 10.68 18.65 6.91
C ASN C 160 9.83 17.44 6.58
N ALA C 161 8.53 17.49 6.91
CA ALA C 161 7.63 16.37 6.60
C ALA C 161 7.55 16.13 5.10
N ILE C 162 7.18 17.15 4.33
CA ILE C 162 6.96 16.98 2.90
C ILE C 162 8.23 16.62 2.13
N MET C 163 9.40 17.07 2.59
CA MET C 163 10.65 16.77 1.90
C MET C 163 11.22 15.42 2.28
N LEU C 164 11.26 15.10 3.58
CA LEU C 164 11.82 13.82 3.99
C LEU C 164 10.94 12.66 3.54
N GLY C 165 9.62 12.80 3.65
CA GLY C 165 8.74 11.77 3.15
C GLY C 165 8.86 11.58 1.64
N SER C 166 9.04 12.69 0.91
CA SER C 166 9.18 12.59 -0.53
C SER C 166 10.48 11.90 -0.92
N ILE C 167 11.57 12.21 -0.21
CA ILE C 167 12.84 11.59 -0.58
C ILE C 167 12.86 10.13 -0.17
N PHE C 168 12.14 9.75 0.89
CA PHE C 168 12.07 8.34 1.24
C PHE C 168 11.19 7.58 0.26
N MET C 169 10.08 8.19 -0.15
CA MET C 169 9.22 7.59 -1.16
C MET C 169 9.94 7.47 -2.50
N LYS C 170 10.83 8.41 -2.79
CA LYS C 170 11.60 8.33 -4.03
C LYS C 170 12.64 7.20 -3.97
N THR C 171 13.39 7.12 -2.87
CA THR C 171 14.38 6.06 -2.78
C THR C 171 13.77 4.70 -2.47
N ALA C 172 12.47 4.64 -2.18
CA ALA C 172 11.82 3.38 -1.83
C ALA C 172 10.85 2.90 -2.88
N GLN C 173 10.73 3.57 -4.02
CA GLN C 173 9.79 3.13 -5.03
C GLN C 173 10.28 1.85 -5.70
N ALA C 174 9.34 1.03 -6.11
CA ALA C 174 9.62 -0.36 -6.46
C ALA C 174 9.86 -0.58 -7.95
N HIS C 175 9.99 0.49 -8.74
CA HIS C 175 10.31 0.31 -10.14
C HIS C 175 11.75 -0.12 -10.36
N ARG C 176 12.59 -0.08 -9.33
CA ARG C 176 13.95 -0.60 -9.43
C ARG C 176 14.02 -2.09 -9.16
N ARG C 177 13.02 -2.64 -8.47
CA ARG C 177 12.93 -4.09 -8.25
C ARG C 177 12.84 -4.86 -9.56
N ALA C 178 12.34 -4.23 -10.62
CA ALA C 178 12.31 -4.82 -11.95
C ALA C 178 13.70 -5.09 -12.51
N GLU C 179 14.76 -4.53 -11.92
CA GLU C 179 16.10 -4.84 -12.41
C GLU C 179 16.51 -6.26 -12.08
N THR C 180 15.94 -6.85 -11.03
CA THR C 180 16.25 -8.23 -10.65
C THR C 180 15.15 -9.20 -11.05
N LEU C 181 14.32 -8.82 -12.01
CA LEU C 181 13.32 -9.71 -12.59
C LEU C 181 13.72 -9.91 -14.05
N ILE C 182 14.40 -11.00 -14.32
CA ILE C 182 14.96 -11.20 -15.66
C ILE C 182 13.95 -11.95 -16.51
N PHE C 183 13.97 -11.69 -17.80
CA PHE C 183 13.16 -12.43 -18.75
C PHE C 183 14.10 -13.17 -19.70
N SER C 184 13.52 -14.08 -20.47
CA SER C 184 14.29 -14.72 -21.51
C SER C 184 14.65 -13.74 -22.60
N LYS C 185 15.88 -13.84 -23.10
CA LYS C 185 16.32 -12.95 -24.16
C LYS C 185 15.61 -13.26 -25.47
N HIS C 186 15.32 -14.54 -25.71
CA HIS C 186 14.53 -14.97 -26.85
C HIS C 186 13.33 -15.76 -26.35
N ALA C 187 12.20 -15.60 -27.03
CA ALA C 187 11.05 -16.45 -26.80
C ALA C 187 10.98 -17.48 -27.91
N VAL C 188 10.28 -18.59 -27.64
CA VAL C 188 10.20 -19.69 -28.58
C VAL C 188 8.74 -19.98 -28.90
N ILE C 189 8.54 -20.73 -29.97
CA ILE C 189 7.24 -21.27 -30.34
C ILE C 189 7.43 -22.76 -30.59
N ALA C 190 6.81 -23.58 -29.76
CA ALA C 190 7.11 -25.01 -29.78
C ALA C 190 5.84 -25.82 -29.61
N LEU C 191 5.93 -27.09 -29.99
CA LEU C 191 4.84 -28.04 -29.79
C LEU C 191 4.76 -28.40 -28.32
N ARG C 192 3.63 -28.08 -27.70
CA ARG C 192 3.33 -28.54 -26.34
C ARG C 192 1.94 -29.15 -26.34
N HIS C 193 1.87 -30.43 -25.95
CA HIS C 193 0.61 -31.18 -25.80
C HIS C 193 -0.22 -31.19 -27.07
N GLY C 194 0.44 -31.28 -28.22
CA GLY C 194 -0.25 -31.30 -29.49
C GLY C 194 -0.60 -29.94 -30.06
N ARG C 195 -0.45 -28.88 -29.30
CA ARG C 195 -0.70 -27.53 -29.80
C ARG C 195 0.62 -26.80 -30.01
N LEU C 196 0.54 -25.65 -30.64
CA LEU C 196 1.67 -24.74 -30.70
C LEU C 196 1.54 -23.72 -29.59
N CYS C 197 2.63 -23.48 -28.88
CA CYS C 197 2.61 -22.57 -27.75
C CYS C 197 3.76 -21.58 -27.86
N PHE C 198 3.45 -20.33 -27.54
CA PHE C 198 4.44 -19.27 -27.45
C PHE C 198 4.96 -19.24 -26.02
N MET C 199 6.23 -19.61 -25.84
CA MET C 199 6.80 -19.79 -24.52
C MET C 199 7.95 -18.82 -24.30
N LEU C 200 8.12 -18.41 -23.05
CA LEU C 200 9.24 -17.58 -22.64
C LEU C 200 9.55 -17.93 -21.19
N ARG C 201 10.65 -17.39 -20.67
CA ARG C 201 11.12 -17.75 -19.34
C ARG C 201 11.39 -16.50 -18.53
N VAL C 202 10.78 -16.43 -17.35
CA VAL C 202 10.94 -15.30 -16.44
C VAL C 202 11.48 -15.81 -15.12
N GLY C 203 12.52 -15.17 -14.61
CA GLY C 203 13.17 -15.58 -13.39
C GLY C 203 13.29 -14.46 -12.39
N ASP C 204 13.16 -14.81 -11.12
CA ASP C 204 13.41 -13.90 -10.01
C ASP C 204 14.82 -14.13 -9.50
N LEU C 205 15.57 -13.05 -9.31
CA LEU C 205 17.00 -13.17 -9.08
C LEU C 205 17.38 -13.16 -7.60
N ARG C 206 16.47 -12.86 -6.70
CA ARG C 206 16.82 -12.77 -5.28
C ARG C 206 15.88 -13.64 -4.46
N LYS C 207 16.17 -13.70 -3.16
CA LYS C 207 15.45 -14.59 -2.26
C LYS C 207 14.02 -14.13 -2.03
N SER C 208 13.82 -12.83 -1.83
CA SER C 208 12.52 -12.29 -1.44
C SER C 208 11.52 -12.46 -2.59
N MET C 209 10.36 -13.01 -2.26
CA MET C 209 9.34 -13.28 -3.26
C MET C 209 8.69 -11.98 -3.72
N ILE C 210 7.92 -12.09 -4.80
CA ILE C 210 7.05 -11.03 -5.27
C ILE C 210 5.61 -11.52 -5.16
N ILE C 211 4.84 -10.87 -4.30
CA ILE C 211 3.56 -11.38 -3.85
C ILE C 211 2.49 -11.04 -4.88
N SER C 212 1.63 -12.03 -5.18
CA SER C 212 0.51 -11.89 -6.11
C SER C 212 0.97 -11.45 -7.49
N ALA C 213 1.98 -12.13 -8.00
CA ALA C 213 2.54 -11.82 -9.30
C ALA C 213 1.57 -12.26 -10.39
N THR C 214 1.25 -11.35 -11.30
CA THR C 214 0.40 -11.65 -12.44
C THR C 214 1.13 -11.31 -13.73
N ILE C 215 0.79 -12.05 -14.79
CA ILE C 215 1.43 -11.91 -16.09
C ILE C 215 0.37 -11.52 -17.10
N HIS C 216 0.61 -10.44 -17.83
CA HIS C 216 -0.25 -10.01 -18.93
C HIS C 216 0.61 -9.94 -20.18
N MET C 217 0.31 -10.78 -21.15
CA MET C 217 0.99 -10.73 -22.44
C MET C 217 0.06 -10.09 -23.46
N GLN C 218 0.63 -9.23 -24.30
CA GLN C 218 -0.14 -8.46 -25.27
C GLN C 218 0.54 -8.51 -26.62
N VAL C 219 -0.18 -8.94 -27.63
CA VAL C 219 0.29 -8.84 -29.01
C VAL C 219 -0.01 -7.42 -29.49
N VAL C 220 1.03 -6.69 -29.87
CA VAL C 220 0.93 -5.31 -30.30
C VAL C 220 1.35 -5.25 -31.75
N ARG C 221 0.46 -4.76 -32.60
CA ARG C 221 0.76 -4.59 -34.02
C ARG C 221 -0.27 -3.64 -34.62
N LYS C 222 -0.09 -3.31 -35.90
CA LYS C 222 -1.05 -2.48 -36.60
C LYS C 222 -2.14 -3.39 -37.16
N THR C 223 -3.38 -3.10 -36.81
CA THR C 223 -4.52 -3.88 -37.26
C THR C 223 -5.47 -3.01 -38.07
N THR C 224 -6.16 -3.64 -39.01
CA THR C 224 -7.17 -2.99 -39.83
C THR C 224 -8.48 -3.74 -39.66
N SER C 225 -9.50 -3.02 -39.19
CA SER C 225 -10.81 -3.61 -39.02
C SER C 225 -11.43 -3.91 -40.38
N PRO C 226 -12.33 -4.88 -40.46
CA PRO C 226 -13.00 -5.16 -41.75
C PRO C 226 -13.87 -4.02 -42.24
N GLU C 227 -14.26 -3.09 -41.37
CA GLU C 227 -15.00 -1.91 -41.79
C GLU C 227 -14.11 -0.79 -42.27
N GLY C 228 -12.78 -0.99 -42.25
CA GLY C 228 -11.85 0.01 -42.72
C GLY C 228 -11.11 0.76 -41.64
N GLU C 229 -11.41 0.52 -40.37
CA GLU C 229 -10.76 1.23 -39.28
C GLU C 229 -9.35 0.70 -39.08
N VAL C 230 -8.37 1.59 -39.12
CA VAL C 230 -6.97 1.22 -38.95
C VAL C 230 -6.53 1.69 -37.58
N VAL C 231 -6.21 0.74 -36.70
CA VAL C 231 -5.65 1.03 -35.39
C VAL C 231 -4.12 0.91 -35.52
N PRO C 232 -3.38 1.98 -35.29
CA PRO C 232 -1.94 1.94 -35.60
C PRO C 232 -1.13 1.10 -34.63
N LEU C 233 -1.48 1.13 -33.35
CA LEU C 233 -0.81 0.33 -32.33
C LEU C 233 -1.89 -0.37 -31.51
N HIS C 234 -2.38 -1.50 -32.02
CA HIS C 234 -3.41 -2.26 -31.34
C HIS C 234 -2.75 -3.28 -30.43
N GLN C 235 -3.23 -3.33 -29.19
CA GLN C 235 -2.72 -4.24 -28.16
C GLN C 235 -3.85 -5.21 -27.81
N VAL C 236 -3.70 -6.45 -28.23
CA VAL C 236 -4.70 -7.50 -27.96
C VAL C 236 -4.12 -8.44 -26.91
N ASP C 237 -4.87 -8.66 -25.84
CA ASP C 237 -4.42 -9.52 -24.76
C ASP C 237 -4.45 -10.98 -25.22
N ILE C 238 -3.34 -11.68 -25.06
CA ILE C 238 -3.28 -13.13 -25.25
C ILE C 238 -3.34 -13.78 -23.89
N PRO C 239 -4.24 -14.74 -23.66
CA PRO C 239 -4.36 -15.33 -22.31
C PRO C 239 -3.23 -16.29 -22.03
N MET C 240 -2.59 -16.10 -20.88
CA MET C 240 -1.55 -17.02 -20.43
C MET C 240 -2.18 -18.32 -19.97
N GLU C 241 -1.71 -19.43 -20.51
CA GLU C 241 -2.21 -20.74 -20.10
C GLU C 241 -1.71 -21.05 -18.70
N ASN C 242 -2.64 -21.25 -17.78
CA ASN C 242 -2.29 -21.38 -16.37
C ASN C 242 -2.85 -22.66 -15.77
N GLY C 243 -3.98 -23.12 -16.31
CA GLY C 243 -4.64 -24.29 -15.76
C GLY C 243 -5.99 -23.94 -15.18
N VAL C 244 -6.06 -22.77 -14.52
CA VAL C 244 -7.31 -22.27 -13.98
C VAL C 244 -7.86 -21.09 -14.78
N GLY C 245 -7.11 -20.58 -15.74
CA GLY C 245 -7.57 -19.46 -16.54
C GLY C 245 -7.06 -18.12 -16.04
N GLY C 246 -7.04 -17.95 -14.72
CA GLY C 246 -6.54 -16.71 -14.14
C GLY C 246 -5.04 -16.58 -14.31
N ASN C 247 -4.60 -15.34 -14.52
CA ASN C 247 -3.18 -15.05 -14.71
C ASN C 247 -2.58 -14.73 -13.35
N SER C 248 -2.01 -15.74 -12.70
CA SER C 248 -1.37 -15.56 -11.40
C SER C 248 -0.31 -16.62 -11.24
N ILE C 249 0.94 -16.22 -11.09
CA ILE C 249 2.05 -17.14 -11.04
C ILE C 249 2.65 -17.13 -9.63
N PHE C 250 3.43 -18.16 -9.34
CA PHE C 250 4.20 -18.25 -8.10
C PHE C 250 5.66 -18.36 -8.51
N LEU C 251 6.37 -17.24 -8.46
CA LEU C 251 7.70 -17.12 -9.03
C LEU C 251 8.74 -17.36 -7.95
N VAL C 252 9.30 -18.58 -7.91
CA VAL C 252 10.46 -18.88 -7.09
C VAL C 252 11.57 -19.38 -8.00
N ALA C 253 11.31 -20.49 -8.66
CA ALA C 253 12.20 -20.95 -9.72
C ALA C 253 11.79 -20.29 -11.04
N PRO C 254 12.73 -20.07 -11.94
CA PRO C 254 12.36 -19.53 -13.26
C PRO C 254 11.49 -20.49 -14.04
N LEU C 255 10.24 -20.10 -14.26
CA LEU C 255 9.26 -20.98 -14.87
C LEU C 255 8.90 -20.47 -16.26
N ILE C 256 8.51 -21.41 -17.12
CA ILE C 256 8.23 -21.12 -18.52
C ILE C 256 6.78 -20.67 -18.63
N ILE C 257 6.58 -19.38 -18.90
CA ILE C 257 5.26 -18.83 -19.17
C ILE C 257 4.94 -19.07 -20.62
N TYR C 258 3.81 -19.72 -20.90
CA TYR C 258 3.46 -20.08 -22.26
C TYR C 258 1.99 -19.78 -22.52
N HIS C 259 1.71 -19.43 -23.77
CA HIS C 259 0.36 -19.16 -24.24
C HIS C 259 0.04 -20.11 -25.37
N VAL C 260 -1.05 -20.85 -25.24
CA VAL C 260 -1.43 -21.84 -26.23
C VAL C 260 -2.06 -21.13 -27.41
N ILE C 261 -1.52 -21.34 -28.60
CA ILE C 261 -2.02 -20.68 -29.80
C ILE C 261 -3.29 -21.44 -30.21
N ASP C 262 -4.43 -20.92 -29.78
CA ASP C 262 -5.72 -21.54 -30.04
C ASP C 262 -6.38 -20.82 -31.20
N ALA C 263 -7.62 -21.19 -31.51
CA ALA C 263 -8.36 -20.51 -32.57
C ALA C 263 -8.71 -19.08 -32.20
N ASN C 264 -8.82 -18.76 -30.92
CA ASN C 264 -9.10 -17.41 -30.47
C ASN C 264 -7.84 -16.58 -30.27
N SER C 265 -6.68 -17.09 -30.68
CA SER C 265 -5.47 -16.32 -30.44
C SER C 265 -5.05 -15.60 -31.70
N PRO C 266 -4.58 -14.35 -31.57
CA PRO C 266 -4.14 -13.59 -32.75
C PRO C 266 -2.91 -14.14 -33.43
N LEU C 267 -2.18 -15.07 -32.80
CA LEU C 267 -1.08 -15.77 -33.45
C LEU C 267 -1.55 -16.98 -34.23
N TYR C 268 -2.87 -17.18 -34.34
CA TYR C 268 -3.43 -18.37 -34.97
C TYR C 268 -3.08 -18.48 -36.46
N ASP C 269 -2.66 -17.40 -37.08
CA ASP C 269 -2.20 -17.43 -38.48
C ASP C 269 -0.74 -17.05 -38.60
N LEU C 270 0.03 -17.15 -37.52
CA LEU C 270 1.45 -16.81 -37.56
C LEU C 270 2.23 -17.95 -38.19
N ALA C 271 3.11 -17.62 -39.13
CA ALA C 271 3.91 -18.51 -39.94
C ALA C 271 5.34 -18.57 -39.42
N PRO C 272 6.07 -19.68 -39.66
CA PRO C 272 7.49 -19.70 -39.28
C PRO C 272 8.35 -18.80 -40.14
N SER C 273 7.90 -18.46 -41.35
CA SER C 273 8.61 -17.52 -42.20
C SER C 273 8.20 -16.08 -41.94
N ASP C 274 7.16 -15.86 -41.15
CA ASP C 274 6.75 -14.53 -40.75
C ASP C 274 7.57 -13.98 -39.60
N LEU C 275 8.47 -14.76 -39.04
CA LEU C 275 9.30 -14.32 -37.93
C LEU C 275 10.62 -13.73 -38.40
N HIS C 276 10.54 -12.79 -39.34
CA HIS C 276 11.70 -12.02 -39.78
C HIS C 276 11.65 -10.64 -39.15
N HIS C 277 12.75 -9.92 -39.28
CA HIS C 277 12.72 -8.52 -38.91
C HIS C 277 11.91 -7.73 -39.95
N HIS C 278 11.57 -6.49 -39.59
CA HIS C 278 10.65 -5.65 -40.35
C HIS C 278 9.31 -6.36 -40.56
N GLN C 279 8.80 -6.94 -39.48
CA GLN C 279 7.50 -7.56 -39.45
C GLN C 279 6.67 -6.93 -38.35
N ASP C 280 5.49 -6.42 -38.70
CA ASP C 280 4.67 -5.66 -37.76
C ASP C 280 4.03 -6.65 -36.79
N LEU C 281 4.81 -7.00 -35.76
CA LEU C 281 4.35 -7.91 -34.71
C LEU C 281 5.30 -7.76 -33.54
N GLU C 282 4.76 -7.55 -32.34
CA GLU C 282 5.60 -7.43 -31.16
C GLU C 282 4.83 -7.89 -29.95
N ILE C 283 5.35 -8.85 -29.21
CA ILE C 283 4.65 -9.39 -28.05
C ILE C 283 5.30 -8.83 -26.80
N ILE C 284 4.55 -8.04 -26.04
CA ILE C 284 5.07 -7.44 -24.81
C ILE C 284 4.53 -8.25 -23.64
N VAL C 285 5.34 -8.33 -22.58
CA VAL C 285 5.02 -9.10 -21.38
C VAL C 285 5.12 -8.17 -20.20
N ILE C 286 4.09 -8.18 -19.35
CA ILE C 286 4.00 -7.28 -18.20
C ILE C 286 3.78 -8.14 -16.97
N LEU C 287 4.80 -8.24 -16.12
CA LEU C 287 4.70 -8.95 -14.85
C LEU C 287 4.58 -7.95 -13.72
N GLU C 288 3.49 -8.02 -12.97
CA GLU C 288 3.26 -7.04 -11.92
C GLU C 288 2.90 -7.74 -10.62
N GLY C 289 3.47 -7.27 -9.53
CA GLY C 289 3.22 -7.88 -8.25
C GLY C 289 3.52 -6.93 -7.13
N VAL C 290 3.60 -7.46 -5.92
CA VAL C 290 3.93 -6.70 -4.73
C VAL C 290 5.25 -7.20 -4.19
N VAL C 291 6.20 -6.27 -4.00
CA VAL C 291 7.47 -6.64 -3.40
C VAL C 291 7.25 -6.99 -1.94
N GLU C 292 7.83 -8.12 -1.52
CA GLU C 292 7.58 -8.60 -0.16
C GLU C 292 8.27 -7.74 0.88
N THR C 293 9.46 -7.22 0.57
CA THR C 293 10.20 -6.43 1.54
C THR C 293 9.58 -5.06 1.74
N THR C 294 9.41 -4.29 0.67
CA THR C 294 8.93 -2.92 0.79
C THR C 294 7.41 -2.84 0.89
N GLY C 295 6.69 -3.58 0.05
CA GLY C 295 5.25 -3.54 0.04
C GLY C 295 4.64 -2.69 -1.07
N ILE C 296 5.46 -2.04 -1.88
CA ILE C 296 4.99 -1.21 -2.98
C ILE C 296 4.84 -2.07 -4.22
N THR C 297 3.73 -1.92 -4.93
CA THR C 297 3.45 -2.65 -6.15
C THR C 297 4.46 -2.30 -7.23
N THR C 298 5.11 -3.31 -7.79
CA THR C 298 6.09 -3.17 -8.85
C THR C 298 5.57 -3.80 -10.13
N GLN C 299 6.21 -3.41 -11.24
CA GLN C 299 5.86 -3.93 -12.56
C GLN C 299 7.10 -3.96 -13.43
N ALA C 300 7.51 -5.16 -13.83
CA ALA C 300 8.52 -5.35 -14.84
C ALA C 300 7.84 -5.60 -16.18
N ARG C 301 8.54 -5.27 -17.25
CA ARG C 301 7.97 -5.47 -18.57
C ARG C 301 9.10 -5.71 -19.56
N THR C 302 8.80 -6.48 -20.59
CA THR C 302 9.76 -6.77 -21.65
C THR C 302 9.01 -6.88 -22.96
N SER C 303 9.77 -7.10 -24.04
CA SER C 303 9.21 -7.11 -25.37
C SER C 303 9.96 -8.09 -26.24
N TYR C 304 9.24 -8.67 -27.20
CA TYR C 304 9.81 -9.62 -28.14
C TYR C 304 9.37 -9.21 -29.54
N LEU C 305 10.34 -8.81 -30.36
CA LEU C 305 10.06 -8.52 -31.76
C LEU C 305 9.89 -9.82 -32.53
N ALA C 306 9.62 -9.70 -33.82
CA ALA C 306 9.38 -10.89 -34.62
C ALA C 306 10.66 -11.69 -34.89
N ASP C 307 11.83 -11.07 -34.76
CA ASP C 307 13.07 -11.78 -34.94
C ASP C 307 13.62 -12.38 -33.65
N GLU C 308 13.10 -11.97 -32.50
CA GLU C 308 13.48 -12.55 -31.22
C GLU C 308 12.58 -13.71 -30.83
N ILE C 309 11.74 -14.17 -31.73
CA ILE C 309 10.88 -15.33 -31.49
C ILE C 309 11.41 -16.48 -32.35
N LEU C 310 11.90 -17.52 -31.69
CA LEU C 310 12.55 -18.63 -32.36
C LEU C 310 11.53 -19.74 -32.60
N TRP C 311 11.14 -19.91 -33.85
CA TRP C 311 10.26 -21.01 -34.21
C TRP C 311 11.03 -22.32 -34.16
N GLY C 312 10.37 -23.36 -33.64
CA GLY C 312 10.97 -24.67 -33.64
C GLY C 312 12.09 -24.87 -32.64
N GLN C 313 12.01 -24.22 -31.48
CA GLN C 313 12.99 -24.41 -30.43
C GLN C 313 12.27 -24.48 -29.10
N ARG C 314 12.96 -25.00 -28.09
CA ARG C 314 12.40 -25.03 -26.75
C ARG C 314 13.52 -24.85 -25.74
N PHE C 315 13.15 -24.44 -24.54
CA PHE C 315 14.13 -24.14 -23.51
C PHE C 315 14.75 -25.41 -22.96
N VAL C 316 15.91 -25.26 -22.35
CA VAL C 316 16.58 -26.38 -21.69
C VAL C 316 16.18 -26.38 -20.22
N PRO C 317 16.02 -27.53 -19.58
CA PRO C 317 15.71 -27.56 -18.15
C PRO C 317 16.93 -27.14 -17.35
N ILE C 318 16.74 -26.16 -16.46
CA ILE C 318 17.84 -25.64 -15.66
C ILE C 318 17.67 -25.91 -14.17
N VAL C 319 16.55 -26.48 -13.75
CA VAL C 319 16.34 -26.83 -12.36
C VAL C 319 16.86 -28.24 -12.14
N ALA C 320 17.67 -28.43 -11.09
CA ALA C 320 18.21 -29.74 -10.77
C ALA C 320 18.35 -29.88 -9.27
N GLU C 321 18.10 -31.07 -8.77
CA GLU C 321 18.23 -31.34 -7.34
C GLU C 321 19.68 -31.68 -7.02
N GLU C 322 20.26 -30.98 -6.05
CA GLU C 322 21.56 -31.35 -5.50
C GLU C 322 21.49 -31.25 -3.99
N ASP C 323 22.08 -32.26 -3.33
CA ASP C 323 22.24 -32.40 -1.86
C ASP C 323 21.02 -32.02 -1.04
N GLY C 324 19.82 -32.33 -1.55
CA GLY C 324 18.60 -32.08 -0.82
C GLY C 324 17.96 -30.72 -1.05
N ARG C 325 18.50 -29.91 -1.96
CA ARG C 325 17.91 -28.65 -2.34
C ARG C 325 17.77 -28.61 -3.85
N TYR C 326 17.03 -27.62 -4.33
CA TYR C 326 16.92 -27.39 -5.76
C TYR C 326 17.86 -26.26 -6.15
N SER C 327 18.37 -26.34 -7.37
CA SER C 327 19.34 -25.37 -7.85
C SER C 327 19.02 -25.03 -9.29
N VAL C 328 19.05 -23.74 -9.62
CA VAL C 328 18.83 -23.26 -10.97
C VAL C 328 20.13 -22.70 -11.51
N ASP C 329 20.50 -23.14 -12.70
CA ASP C 329 21.72 -22.67 -13.37
C ASP C 329 21.35 -21.47 -14.21
N TYR C 330 21.48 -20.27 -13.63
CA TYR C 330 21.07 -19.05 -14.32
C TYR C 330 21.95 -18.70 -15.50
N SER C 331 23.09 -19.37 -15.68
CA SER C 331 23.85 -19.21 -16.91
C SER C 331 23.18 -19.89 -18.09
N LYS C 332 22.39 -20.93 -17.86
CA LYS C 332 21.64 -21.61 -18.90
C LYS C 332 20.25 -21.03 -19.07
N PHE C 333 20.05 -19.75 -18.72
CA PHE C 333 18.71 -19.18 -18.67
C PHE C 333 18.09 -19.07 -20.04
N ASP C 334 18.83 -18.54 -21.02
CA ASP C 334 18.30 -18.30 -22.34
C ASP C 334 18.78 -19.32 -23.37
N ASN C 335 19.35 -20.44 -22.92
CA ASN C 335 19.75 -21.48 -23.86
C ASN C 335 18.53 -22.24 -24.36
N THR C 336 18.55 -22.58 -25.64
CA THR C 336 17.45 -23.31 -26.26
C THR C 336 18.01 -24.46 -27.09
N VAL C 337 17.11 -25.32 -27.54
CA VAL C 337 17.46 -26.47 -28.36
C VAL C 337 16.45 -26.58 -29.50
N LYS C 338 16.94 -26.78 -30.72
CA LYS C 338 16.11 -26.91 -31.90
C LYS C 338 15.43 -28.27 -31.92
N VAL C 339 14.16 -28.28 -31.54
CA VAL C 339 13.35 -29.50 -31.58
C VAL C 339 12.50 -29.50 -32.82
N PRO C 340 12.11 -30.66 -33.37
CA PRO C 340 11.32 -30.65 -34.60
C PRO C 340 9.88 -30.24 -34.36
N THR C 341 9.48 -29.14 -34.99
CA THR C 341 8.10 -28.68 -35.03
C THR C 341 7.72 -28.58 -36.50
N PRO C 342 6.43 -28.62 -36.82
CA PRO C 342 6.04 -28.42 -38.22
C PRO C 342 6.26 -26.98 -38.64
N LEU C 343 6.59 -26.79 -39.91
CA LEU C 343 6.76 -25.47 -40.48
C LEU C 343 5.47 -25.04 -41.18
N CYS C 344 4.45 -24.81 -40.38
CA CYS C 344 3.16 -24.35 -40.88
C CYS C 344 2.45 -23.59 -39.77
N THR C 345 1.43 -22.84 -40.15
CA THR C 345 0.70 -22.03 -39.18
C THR C 345 -0.15 -22.92 -38.28
N ALA C 346 -0.63 -22.34 -37.18
CA ALA C 346 -1.47 -23.08 -36.27
C ALA C 346 -2.81 -23.45 -36.89
N ARG C 347 -3.29 -22.68 -37.87
CA ARG C 347 -4.54 -23.02 -38.53
C ARG C 347 -4.39 -24.27 -39.40
N GLN C 348 -3.40 -24.28 -40.29
CA GLN C 348 -3.16 -25.46 -41.10
C GLN C 348 -2.40 -26.54 -40.34
N LEU C 349 -2.16 -26.35 -39.04
CA LEU C 349 -1.85 -27.47 -38.17
C LEU C 349 -3.11 -28.04 -37.53
N ASP C 350 -4.03 -27.17 -37.11
CA ASP C 350 -5.31 -27.61 -36.55
C ASP C 350 -6.11 -28.42 -37.56
N GLU C 351 -6.15 -27.97 -38.80
CA GLU C 351 -6.65 -28.78 -39.91
C GLU C 351 -5.49 -29.20 -40.80
N ASP C 352 -5.19 -30.50 -40.77
CA ASP C 352 -4.02 -31.13 -41.37
C ASP C 352 -2.73 -30.51 -40.86
N ARG D 32 -30.17 15.90 -17.74
CA ARG D 32 -30.42 17.24 -17.23
C ARG D 32 -29.62 17.49 -15.95
N ALA D 33 -29.31 16.40 -15.25
CA ALA D 33 -28.46 16.44 -14.06
C ALA D 33 -27.60 15.20 -14.06
N ARG D 34 -26.29 15.37 -14.21
CA ARG D 34 -25.40 14.24 -14.42
C ARG D 34 -24.93 13.66 -13.09
N PHE D 35 -24.71 12.35 -13.11
CA PHE D 35 -24.23 11.63 -11.93
C PHE D 35 -22.78 12.00 -11.62
N VAL D 36 -21.90 11.83 -12.59
CA VAL D 36 -20.49 12.19 -12.45
C VAL D 36 -20.19 13.34 -13.41
N SER D 37 -19.40 14.29 -12.95
CA SER D 37 -18.97 15.38 -13.81
C SER D 37 -17.93 14.87 -14.81
N LYS D 38 -17.56 15.73 -15.76
CA LYS D 38 -16.55 15.34 -16.74
C LYS D 38 -15.16 15.23 -16.11
N LYS D 39 -14.93 15.90 -14.99
CA LYS D 39 -13.65 15.82 -14.30
C LYS D 39 -13.62 14.73 -13.24
N GLY D 40 -14.75 14.08 -12.97
CA GLY D 40 -14.80 13.00 -12.01
C GLY D 40 -15.51 13.32 -10.71
N ASN D 41 -15.96 14.55 -10.52
CA ASN D 41 -16.67 14.91 -9.30
C ASN D 41 -18.07 14.31 -9.34
N CYS D 42 -18.48 13.70 -8.22
CA CYS D 42 -19.79 13.09 -8.12
C CYS D 42 -20.81 14.11 -7.63
N ASN D 43 -21.96 14.17 -8.30
CA ASN D 43 -23.00 15.13 -7.97
C ASN D 43 -24.04 14.47 -7.06
N VAL D 44 -23.61 14.19 -5.84
CA VAL D 44 -24.48 13.61 -4.82
C VAL D 44 -24.50 14.54 -3.61
N ALA D 45 -25.59 14.46 -2.85
CA ALA D 45 -25.85 15.42 -1.80
C ALA D 45 -25.69 14.86 -0.38
N HIS D 46 -26.05 13.60 -0.16
CA HIS D 46 -25.99 12.95 1.15
C HIS D 46 -26.82 13.69 2.20
N LYS D 47 -28.13 13.72 1.96
CA LYS D 47 -29.05 14.40 2.85
C LYS D 47 -29.42 13.52 4.04
N ASN D 48 -29.67 14.20 5.17
CA ASN D 48 -30.30 13.60 6.36
C ASN D 48 -29.49 12.45 6.94
N ILE D 49 -28.18 12.65 7.03
CA ILE D 49 -27.31 11.67 7.68
C ILE D 49 -27.59 11.74 9.18
N ARG D 50 -28.32 10.77 9.70
CA ARG D 50 -28.75 10.83 11.09
C ARG D 50 -27.64 10.41 12.04
N GLU D 51 -26.93 9.32 11.73
CA GLU D 51 -25.90 8.77 12.61
C GLU D 51 -24.63 9.59 12.45
N GLN D 52 -24.65 10.80 12.98
CA GLN D 52 -23.47 11.65 12.98
C GLN D 52 -22.45 11.25 14.03
N GLY D 53 -22.81 10.35 14.94
CA GLY D 53 -21.90 9.92 15.98
C GLY D 53 -20.78 9.02 15.48
N ARG D 54 -21.03 8.24 14.43
CA ARG D 54 -19.99 7.38 13.88
C ARG D 54 -18.97 8.16 13.06
N PHE D 55 -19.24 9.42 12.74
CA PHE D 55 -18.24 10.25 12.09
C PHE D 55 -17.08 10.58 13.03
N LEU D 56 -17.35 10.58 14.33
CA LEU D 56 -16.31 10.80 15.33
C LEU D 56 -15.58 9.54 15.73
N GLN D 57 -15.94 8.39 15.15
CA GLN D 57 -15.24 7.16 15.43
C GLN D 57 -14.02 6.97 14.55
N ASP D 58 -13.94 7.68 13.43
CA ASP D 58 -12.73 7.73 12.61
C ASP D 58 -12.35 9.20 12.45
N VAL D 59 -11.60 9.71 13.42
CA VAL D 59 -11.21 11.12 13.37
C VAL D 59 -10.13 11.34 12.31
N PHE D 60 -9.30 10.32 12.07
CA PHE D 60 -8.18 10.48 11.14
C PHE D 60 -8.64 10.59 9.70
N THR D 61 -9.68 9.85 9.31
CA THR D 61 -10.19 9.96 7.95
C THR D 61 -10.78 11.34 7.70
N THR D 62 -11.50 11.89 8.69
CA THR D 62 -12.00 13.25 8.58
C THR D 62 -10.87 14.27 8.58
N LEU D 63 -9.79 14.01 9.32
CA LEU D 63 -8.67 14.94 9.37
C LEU D 63 -7.94 15.00 8.03
N VAL D 64 -7.70 13.86 7.41
CA VAL D 64 -7.07 13.84 6.10
C VAL D 64 -8.04 14.36 5.04
N ASP D 65 -9.33 14.11 5.20
CA ASP D 65 -10.37 14.45 4.24
C ASP D 65 -10.69 15.94 4.17
N LEU D 66 -9.99 16.79 4.91
CA LEU D 66 -10.31 18.20 4.92
C LEU D 66 -9.75 18.90 3.69
N LYS D 67 -10.17 20.15 3.52
CA LYS D 67 -9.55 21.02 2.53
C LYS D 67 -8.18 21.47 3.01
N TRP D 68 -7.42 22.08 2.12
CA TRP D 68 -6.07 22.52 2.46
C TRP D 68 -6.02 23.71 3.41
N PRO D 69 -6.89 24.74 3.30
CA PRO D 69 -6.89 25.76 4.37
C PRO D 69 -7.24 25.22 5.74
N HIS D 70 -8.22 24.32 5.83
CA HIS D 70 -8.53 23.70 7.11
C HIS D 70 -7.39 22.83 7.61
N THR D 71 -6.68 22.16 6.69
CA THR D 71 -5.56 21.32 7.09
C THR D 71 -4.42 22.15 7.66
N LEU D 72 -4.06 23.24 6.99
CA LEU D 72 -3.03 24.13 7.51
C LEU D 72 -3.46 24.78 8.81
N LEU D 73 -4.75 25.13 8.92
CA LEU D 73 -5.24 25.74 10.16
C LEU D 73 -5.17 24.78 11.33
N ILE D 74 -5.59 23.53 11.13
CA ILE D 74 -5.54 22.55 12.22
C ILE D 74 -4.11 22.14 12.55
N PHE D 75 -3.23 22.06 11.56
CA PHE D 75 -1.80 21.83 11.82
C PHE D 75 -1.21 22.92 12.72
N THR D 76 -1.33 24.18 12.27
CA THR D 76 -0.79 25.31 13.03
C THR D 76 -1.45 25.44 14.39
N MET D 77 -2.76 25.22 14.47
CA MET D 77 -3.48 25.33 15.73
C MET D 77 -3.11 24.23 16.70
N SER D 78 -2.92 23.00 16.23
CA SER D 78 -2.52 21.93 17.13
C SER D 78 -1.15 22.20 17.72
N PHE D 79 -0.19 22.58 16.88
CA PHE D 79 1.15 22.86 17.42
C PHE D 79 1.14 24.07 18.35
N LEU D 80 0.43 25.14 17.96
CA LEU D 80 0.45 26.37 18.74
C LEU D 80 -0.29 26.20 20.06
N CYS D 81 -1.42 25.49 20.07
CA CYS D 81 -2.12 25.26 21.32
C CYS D 81 -1.41 24.27 22.22
N SER D 82 -0.66 23.31 21.67
CA SER D 82 0.16 22.48 22.54
C SER D 82 1.25 23.30 23.21
N TRP D 83 1.91 24.17 22.43
CA TRP D 83 2.91 25.06 23.02
C TRP D 83 2.31 26.00 24.05
N LEU D 84 1.09 26.51 23.79
CA LEU D 84 0.47 27.43 24.73
C LEU D 84 0.04 26.74 26.01
N LEU D 85 -0.48 25.51 25.90
CA LEU D 85 -0.89 24.76 27.08
C LEU D 85 0.31 24.43 27.97
N PHE D 86 1.39 23.93 27.37
CA PHE D 86 2.56 23.66 28.19
C PHE D 86 3.25 24.93 28.65
N ALA D 87 3.08 26.04 27.93
CA ALA D 87 3.59 27.32 28.41
C ALA D 87 2.86 27.77 29.65
N MET D 88 1.53 27.61 29.67
CA MET D 88 0.78 27.91 30.88
C MET D 88 1.16 26.99 32.02
N ALA D 89 1.49 25.72 31.71
CA ALA D 89 1.96 24.81 32.75
C ALA D 89 3.29 25.27 33.35
N TRP D 90 4.25 25.63 32.49
CA TRP D 90 5.54 26.12 32.97
C TRP D 90 5.40 27.43 33.74
N TRP D 91 4.48 28.29 33.31
CA TRP D 91 4.25 29.55 34.00
C TRP D 91 3.64 29.31 35.38
N LEU D 92 2.72 28.35 35.48
CA LEU D 92 2.15 28.02 36.78
C LEU D 92 3.19 27.40 37.71
N ILE D 93 4.10 26.59 37.16
CA ILE D 93 5.16 26.02 37.99
C ILE D 93 6.09 27.12 38.50
N ALA D 94 6.47 28.05 37.63
CA ALA D 94 7.34 29.15 38.03
C ALA D 94 6.65 30.09 39.01
N PHE D 95 5.32 30.22 38.90
CA PHE D 95 4.57 30.96 39.89
C PHE D 95 4.60 30.25 41.24
N ALA D 96 4.25 28.97 41.27
CA ALA D 96 4.09 28.26 42.52
C ALA D 96 5.42 28.09 43.25
N HIS D 97 6.52 28.03 42.51
CA HIS D 97 7.82 28.01 43.18
C HIS D 97 8.22 29.38 43.70
N GLY D 98 7.60 30.44 43.21
CA GLY D 98 8.00 31.79 43.57
C GLY D 98 9.14 32.33 42.75
N ASP D 99 9.30 31.87 41.51
CA ASP D 99 10.40 32.33 40.67
C ASP D 99 10.04 33.61 39.92
N LEU D 100 8.75 33.82 39.66
CA LEU D 100 8.32 35.03 38.98
C LEU D 100 8.51 36.26 39.85
N ALA D 101 8.45 36.11 41.16
CA ALA D 101 8.72 37.22 42.06
C ALA D 101 10.21 37.53 42.04
N PRO D 102 10.61 38.77 41.72
CA PRO D 102 12.04 39.09 41.63
C PRO D 102 12.73 39.23 42.98
N SER D 103 12.03 38.97 44.09
CA SER D 103 12.67 38.95 45.39
C SER D 103 13.54 37.70 45.51
N GLU D 104 14.78 37.79 45.04
CA GLU D 104 15.68 36.65 45.00
C GLU D 104 16.46 36.51 46.30
N GLY D 105 16.65 35.26 46.72
CA GLY D 105 17.55 34.95 47.81
C GLY D 105 18.78 34.23 47.28
N THR D 106 18.81 32.91 47.48
CA THR D 106 19.85 32.08 46.90
C THR D 106 19.33 30.80 46.27
N ALA D 107 18.05 30.47 46.45
CA ALA D 107 17.50 29.23 45.93
C ALA D 107 17.39 29.27 44.42
N GLU D 108 17.67 28.15 43.79
CA GLU D 108 17.63 28.09 42.34
C GLU D 108 16.21 27.81 41.85
N PRO D 109 15.84 28.36 40.70
CA PRO D 109 14.50 28.14 40.16
C PRO D 109 14.36 26.73 39.60
N CYS D 110 13.12 26.36 39.26
CA CYS D 110 12.91 25.11 38.53
C CYS D 110 13.43 25.25 37.11
N VAL D 111 13.05 26.32 36.42
CA VAL D 111 13.59 26.66 35.12
C VAL D 111 14.29 28.01 35.24
N THR D 112 15.51 28.09 34.73
CA THR D 112 16.30 29.30 34.85
C THR D 112 15.77 30.39 33.94
N SER D 113 15.91 31.64 34.41
CA SER D 113 15.62 32.86 33.65
C SER D 113 14.20 32.90 33.09
N ILE D 114 13.23 32.44 33.85
CA ILE D 114 11.82 32.62 33.53
C ILE D 114 11.28 33.69 34.47
N HIS D 115 10.81 34.80 33.88
CA HIS D 115 10.19 35.85 34.67
C HIS D 115 8.99 36.46 33.97
N SER D 116 8.44 35.78 32.97
CA SER D 116 7.28 36.28 32.25
C SER D 116 6.59 35.11 31.58
N PHE D 117 5.32 35.32 31.22
CA PHE D 117 4.63 34.33 30.42
C PHE D 117 5.24 34.22 29.03
N SER D 118 5.81 35.32 28.52
CA SER D 118 6.55 35.24 27.27
C SER D 118 7.79 34.36 27.42
N SER D 119 8.46 34.43 28.58
CA SER D 119 9.58 33.55 28.85
C SER D 119 9.13 32.10 28.91
N ALA D 120 8.01 31.85 29.59
CA ALA D 120 7.48 30.48 29.64
C ALA D 120 7.07 29.97 28.27
N PHE D 121 6.57 30.86 27.41
CA PHE D 121 6.16 30.46 26.07
C PHE D 121 7.36 30.14 25.20
N LEU D 122 8.40 30.97 25.28
CA LEU D 122 9.64 30.67 24.57
C LEU D 122 10.26 29.37 25.06
N PHE D 123 10.20 29.11 26.37
CA PHE D 123 10.74 27.87 26.90
C PHE D 123 9.92 26.66 26.46
N SER D 124 8.61 26.80 26.39
CA SER D 124 7.77 25.70 25.92
C SER D 124 8.01 25.41 24.45
N ILE D 125 8.23 26.45 23.64
CA ILE D 125 8.57 26.24 22.24
C ILE D 125 9.92 25.54 22.13
N GLU D 126 10.90 25.97 22.92
CA GLU D 126 12.23 25.35 22.89
C GLU D 126 12.18 23.89 23.32
N VAL D 127 11.29 23.55 24.25
CA VAL D 127 11.20 22.16 24.69
C VAL D 127 10.47 21.31 23.66
N GLN D 128 9.32 21.78 23.17
CA GLN D 128 8.51 20.96 22.28
C GLN D 128 9.13 20.81 20.89
N VAL D 129 9.67 21.90 20.32
CA VAL D 129 10.34 21.81 19.03
C VAL D 129 11.72 21.19 19.17
N THR D 130 12.19 21.02 20.39
CA THR D 130 13.52 20.51 20.73
C THR D 130 14.61 21.38 20.11
N ILE D 131 14.46 22.69 20.29
CA ILE D 131 15.53 23.62 19.94
C ILE D 131 16.54 23.70 21.08
N GLY D 132 16.10 24.09 22.26
CA GLY D 132 16.96 24.08 23.42
C GLY D 132 18.07 25.11 23.36
N PHE D 133 17.71 26.39 23.45
CA PHE D 133 18.73 27.43 23.43
C PHE D 133 19.60 27.39 24.67
N GLY D 134 18.99 27.20 25.84
CA GLY D 134 19.76 27.05 27.05
C GLY D 134 19.82 28.25 27.95
N GLY D 135 19.29 29.40 27.51
CA GLY D 135 19.08 30.50 28.44
C GLY D 135 18.04 30.15 29.47
N ARG D 136 17.06 29.34 29.10
CA ARG D 136 16.06 28.79 30.01
C ARG D 136 16.18 27.28 29.96
N MET D 137 16.72 26.70 31.03
CA MET D 137 16.91 25.26 31.10
C MET D 137 16.34 24.74 32.40
N VAL D 138 15.94 23.46 32.39
CA VAL D 138 15.37 22.82 33.57
C VAL D 138 16.49 22.55 34.56
N THR D 139 16.30 23.00 35.79
CA THR D 139 17.20 22.63 36.87
C THR D 139 16.57 21.48 37.66
N GLU D 140 17.37 20.91 38.58
CA GLU D 140 16.95 19.75 39.35
C GLU D 140 16.26 20.14 40.65
N GLU D 141 15.83 21.40 40.78
CA GLU D 141 15.24 21.86 42.01
C GLU D 141 13.78 21.43 42.13
N CYS D 142 13.03 21.56 41.05
CA CYS D 142 11.60 21.29 41.08
C CYS D 142 11.34 19.90 40.53
N PRO D 143 10.89 18.94 41.36
CA PRO D 143 10.56 17.61 40.82
C PRO D 143 9.31 17.60 39.97
N LEU D 144 8.43 18.58 40.14
CA LEU D 144 7.26 18.68 39.27
C LEU D 144 7.65 19.18 37.89
N ALA D 145 8.72 19.98 37.80
CA ALA D 145 9.18 20.45 36.51
C ALA D 145 9.72 19.32 35.65
N ILE D 146 10.34 18.32 36.27
CA ILE D 146 10.81 17.16 35.51
C ILE D 146 9.63 16.37 34.97
N LEU D 147 8.55 16.27 35.75
CA LEU D 147 7.35 15.57 35.26
C LEU D 147 6.70 16.34 34.12
N ILE D 148 6.66 17.68 34.23
CA ILE D 148 6.11 18.48 33.14
C ILE D 148 6.98 18.36 31.90
N LEU D 149 8.29 18.27 32.06
CA LEU D 149 9.19 18.09 30.92
C LEU D 149 8.96 16.74 30.25
N ILE D 150 8.77 15.69 31.06
CA ILE D 150 8.52 14.35 30.50
C ILE D 150 7.20 14.33 29.74
N VAL D 151 6.15 14.88 30.33
CA VAL D 151 4.84 14.90 29.68
C VAL D 151 4.88 15.73 28.41
N GLN D 152 5.57 16.87 28.43
CA GLN D 152 5.67 17.70 27.25
C GLN D 152 6.45 17.00 26.15
N ASN D 153 7.52 16.28 26.49
CA ASN D 153 8.26 15.56 25.47
C ASN D 153 7.44 14.42 24.86
N ILE D 154 6.67 13.70 25.69
CA ILE D 154 5.87 12.60 25.16
C ILE D 154 4.76 13.12 24.26
N VAL D 155 4.03 14.15 24.72
CA VAL D 155 2.96 14.71 23.91
C VAL D 155 3.51 15.39 22.66
N GLY D 156 4.70 15.98 22.74
CA GLY D 156 5.30 16.57 21.56
C GLY D 156 5.71 15.54 20.53
N LEU D 157 6.25 14.41 20.97
CA LEU D 157 6.59 13.33 20.05
C LEU D 157 5.33 12.75 19.41
N MET D 158 4.26 12.57 20.19
CA MET D 158 3.01 12.04 19.64
C MET D 158 2.40 13.00 18.63
N ILE D 159 2.36 14.29 18.97
CA ILE D 159 1.77 15.28 18.07
C ILE D 159 2.61 15.41 16.80
N ASN D 160 3.94 15.37 16.95
CA ASN D 160 4.83 15.42 15.78
C ASN D 160 4.58 14.24 14.85
N ALA D 161 4.49 13.03 15.40
CA ALA D 161 4.23 11.85 14.57
C ALA D 161 2.88 11.97 13.86
N ILE D 162 1.80 12.15 14.63
CA ILE D 162 0.46 12.15 14.06
C ILE D 162 0.22 13.31 13.10
N MET D 163 0.86 14.46 13.31
CA MET D 163 0.67 15.60 12.44
C MET D 163 1.53 15.54 11.19
N LEU D 164 2.81 15.23 11.32
CA LEU D 164 3.68 15.18 10.15
C LEU D 164 3.29 14.03 9.23
N GLY D 165 2.97 12.86 9.79
CA GLY D 165 2.51 11.77 8.96
C GLY D 165 1.21 12.09 8.26
N SER D 166 0.30 12.80 8.94
CA SER D 166 -0.97 13.16 8.32
C SER D 166 -0.77 14.16 7.20
N ILE D 167 0.13 15.13 7.38
CA ILE D 167 0.31 16.11 6.32
C ILE D 167 1.06 15.51 5.14
N PHE D 168 1.92 14.52 5.38
CA PHE D 168 2.58 13.87 4.26
C PHE D 168 1.61 12.95 3.52
N MET D 169 0.75 12.25 4.26
CA MET D 169 -0.28 11.43 3.63
C MET D 169 -1.28 12.29 2.86
N LYS D 170 -1.52 13.51 3.32
CA LYS D 170 -2.42 14.41 2.61
C LYS D 170 -1.78 14.91 1.33
N THR D 171 -0.52 15.36 1.39
CA THR D 171 0.11 15.85 0.18
C THR D 171 0.55 14.73 -0.75
N ALA D 172 0.47 13.47 -0.32
CA ALA D 172 0.92 12.35 -1.12
C ALA D 172 -0.21 11.47 -1.62
N GLN D 173 -1.47 11.83 -1.37
CA GLN D 173 -2.57 10.99 -1.82
C GLN D 173 -2.73 11.09 -3.33
N ALA D 174 -3.18 9.99 -3.92
CA ALA D 174 -3.06 9.80 -5.36
C ALA D 174 -4.31 10.21 -6.13
N HIS D 175 -5.26 10.87 -5.48
CA HIS D 175 -6.43 11.36 -6.22
C HIS D 175 -6.11 12.55 -7.10
N ARG D 176 -4.93 13.14 -6.97
CA ARG D 176 -4.49 14.19 -7.87
C ARG D 176 -3.85 13.64 -9.13
N ARG D 177 -3.35 12.40 -9.10
CA ARG D 177 -2.81 11.74 -10.28
C ARG D 177 -3.86 11.61 -11.38
N ALA D 178 -5.14 11.58 -11.03
CA ALA D 178 -6.23 11.58 -12.00
C ALA D 178 -6.28 12.85 -12.85
N GLU D 179 -5.56 13.91 -12.47
CA GLU D 179 -5.54 15.10 -13.31
C GLU D 179 -4.77 14.88 -14.59
N THR D 180 -3.81 13.95 -14.60
CA THR D 180 -3.04 13.64 -15.79
C THR D 180 -3.47 12.35 -16.45
N LEU D 181 -4.70 11.92 -16.19
CA LEU D 181 -5.30 10.78 -16.89
C LEU D 181 -6.48 11.35 -17.67
N ILE D 182 -6.27 11.61 -18.94
CA ILE D 182 -7.29 12.27 -19.74
C ILE D 182 -8.17 11.23 -20.39
N PHE D 183 -9.43 11.60 -20.60
CA PHE D 183 -10.36 10.77 -21.33
C PHE D 183 -10.77 11.51 -22.60
N SER D 184 -11.44 10.79 -23.49
CA SER D 184 -12.01 11.44 -24.66
C SER D 184 -13.16 12.33 -24.25
N LYS D 185 -13.23 13.50 -24.87
CA LYS D 185 -14.30 14.44 -24.56
C LYS D 185 -15.64 13.91 -25.07
N HIS D 186 -15.62 13.21 -26.21
CA HIS D 186 -16.80 12.54 -26.74
C HIS D 186 -16.49 11.07 -26.92
N ALA D 187 -17.48 10.22 -26.66
CA ALA D 187 -17.40 8.82 -27.00
C ALA D 187 -18.19 8.56 -28.28
N VAL D 188 -17.86 7.47 -28.95
CA VAL D 188 -18.49 7.16 -30.23
C VAL D 188 -19.12 5.79 -30.16
N ILE D 189 -19.99 5.53 -31.14
CA ILE D 189 -20.57 4.20 -31.35
C ILE D 189 -20.37 3.87 -32.81
N ALA D 190 -19.57 2.84 -33.09
CA ALA D 190 -19.16 2.58 -34.46
C ALA D 190 -19.16 1.09 -34.74
N LEU D 191 -19.18 0.77 -36.04
CA LEU D 191 -19.07 -0.61 -36.48
C LEU D 191 -17.64 -1.10 -36.28
N ARG D 192 -17.48 -2.12 -35.46
CA ARG D 192 -16.20 -2.80 -35.32
C ARG D 192 -16.46 -4.31 -35.45
N HIS D 193 -15.79 -4.92 -36.43
CA HIS D 193 -15.83 -6.37 -36.67
C HIS D 193 -17.25 -6.90 -36.86
N GLY D 194 -18.09 -6.12 -37.53
CA GLY D 194 -19.46 -6.51 -37.78
C GLY D 194 -20.43 -6.21 -36.65
N ARG D 195 -19.94 -5.82 -35.48
CA ARG D 195 -20.81 -5.45 -34.37
C ARG D 195 -20.80 -3.95 -34.20
N LEU D 196 -21.71 -3.47 -33.36
CA LEU D 196 -21.66 -2.09 -32.90
C LEU D 196 -20.93 -2.03 -31.57
N CYS D 197 -20.02 -1.08 -31.45
CA CYS D 197 -19.20 -0.97 -30.26
C CYS D 197 -19.21 0.46 -29.75
N PHE D 198 -19.32 0.60 -28.43
CA PHE D 198 -19.22 1.88 -27.75
C PHE D 198 -17.76 2.10 -27.40
N MET D 199 -17.13 3.08 -28.05
CA MET D 199 -15.70 3.29 -27.93
C MET D 199 -15.40 4.66 -27.35
N LEU D 200 -14.30 4.73 -26.61
CA LEU D 200 -13.80 5.98 -26.07
C LEU D 200 -12.28 5.87 -25.99
N ARG D 201 -11.62 6.97 -25.66
CA ARG D 201 -10.16 7.02 -25.67
C ARG D 201 -9.65 7.57 -24.36
N VAL D 202 -8.76 6.84 -23.71
CA VAL D 202 -8.17 7.24 -22.45
C VAL D 202 -6.66 7.29 -22.63
N GLY D 203 -6.05 8.39 -22.19
CA GLY D 203 -4.62 8.59 -22.35
C GLY D 203 -3.94 8.94 -21.04
N ASP D 204 -2.71 8.46 -20.89
CA ASP D 204 -1.85 8.81 -19.78
C ASP D 204 -0.90 9.92 -20.24
N LEU D 205 -0.79 10.97 -19.44
CA LEU D 205 -0.13 12.18 -19.89
C LEU D 205 1.35 12.25 -19.51
N ARG D 206 1.84 11.38 -18.65
CA ARG D 206 3.22 11.46 -18.21
C ARG D 206 3.94 10.13 -18.43
N LYS D 207 5.23 10.13 -18.13
CA LYS D 207 6.07 8.98 -18.40
C LYS D 207 5.76 7.80 -17.48
N SER D 208 5.56 8.07 -16.20
CA SER D 208 5.40 7.03 -15.19
C SER D 208 4.10 6.27 -15.42
N MET D 209 4.19 4.94 -15.46
CA MET D 209 3.04 4.10 -15.73
C MET D 209 2.10 4.08 -14.54
N ILE D 210 0.91 3.55 -14.76
CA ILE D 210 -0.04 3.24 -13.70
C ILE D 210 -0.23 1.73 -13.68
N ILE D 211 0.16 1.11 -12.58
CA ILE D 211 0.34 -0.33 -12.49
C ILE D 211 -1.01 -0.98 -12.22
N SER D 212 -1.29 -2.06 -12.95
CA SER D 212 -2.51 -2.87 -12.80
C SER D 212 -3.76 -2.04 -13.01
N ALA D 213 -3.76 -1.27 -14.10
CA ALA D 213 -4.89 -0.41 -14.42
C ALA D 213 -6.06 -1.25 -14.90
N THR D 214 -7.22 -1.03 -14.29
CA THR D 214 -8.45 -1.71 -14.69
C THR D 214 -9.51 -0.68 -15.04
N ILE D 215 -10.40 -1.06 -15.94
CA ILE D 215 -11.45 -0.20 -16.46
C ILE D 215 -12.79 -0.83 -16.14
N HIS D 216 -13.66 -0.06 -15.48
CA HIS D 216 -15.03 -0.48 -15.22
C HIS D 216 -15.97 0.55 -15.82
N MET D 217 -16.73 0.15 -16.82
CA MET D 217 -17.74 1.02 -17.41
C MET D 217 -19.11 0.61 -16.90
N GLN D 218 -19.94 1.61 -16.59
CA GLN D 218 -21.24 1.36 -16.00
C GLN D 218 -22.28 2.22 -16.70
N VAL D 219 -23.33 1.58 -17.21
CA VAL D 219 -24.49 2.31 -17.72
C VAL D 219 -25.37 2.65 -16.53
N VAL D 220 -25.59 3.95 -16.32
CA VAL D 220 -26.37 4.45 -15.20
C VAL D 220 -27.60 5.14 -15.77
N ARG D 221 -28.77 4.66 -15.35
CA ARG D 221 -30.04 5.26 -15.76
C ARG D 221 -31.12 4.79 -14.81
N LYS D 222 -32.33 5.31 -14.99
CA LYS D 222 -33.48 4.87 -14.21
C LYS D 222 -34.08 3.65 -14.87
N THR D 223 -34.19 2.56 -14.12
CA THR D 223 -34.75 1.33 -14.64
C THR D 223 -35.98 0.94 -13.84
N THR D 224 -36.90 0.24 -14.52
CA THR D 224 -38.11 -0.27 -13.91
C THR D 224 -38.15 -1.77 -14.12
N SER D 225 -38.19 -2.52 -13.02
CA SER D 225 -38.27 -3.97 -13.10
C SER D 225 -39.63 -4.38 -13.64
N PRO D 226 -39.73 -5.56 -14.27
CA PRO D 226 -41.04 -6.03 -14.74
C PRO D 226 -42.03 -6.30 -13.63
N GLU D 227 -41.57 -6.47 -12.39
CA GLU D 227 -42.47 -6.63 -11.26
C GLU D 227 -42.94 -5.30 -10.69
N GLY D 228 -42.48 -4.17 -11.25
CA GLY D 228 -42.90 -2.86 -10.80
C GLY D 228 -41.87 -2.11 -9.99
N GLU D 229 -40.72 -2.71 -9.69
CA GLU D 229 -39.71 -2.05 -8.88
C GLU D 229 -38.97 -1.01 -9.70
N VAL D 230 -38.95 0.23 -9.22
CA VAL D 230 -38.29 1.33 -9.92
C VAL D 230 -37.01 1.65 -9.17
N VAL D 231 -35.88 1.42 -9.81
CA VAL D 231 -34.57 1.80 -9.28
C VAL D 231 -34.21 3.16 -9.90
N PRO D 232 -34.05 4.20 -9.09
CA PRO D 232 -33.92 5.55 -9.65
C PRO D 232 -32.57 5.78 -10.32
N LEU D 233 -31.50 5.25 -9.76
CA LEU D 233 -30.16 5.37 -10.33
C LEU D 233 -29.54 3.97 -10.35
N HIS D 234 -29.87 3.20 -11.37
CA HIS D 234 -29.36 1.86 -11.53
C HIS D 234 -28.06 1.90 -12.32
N GLN D 235 -27.04 1.21 -11.82
CA GLN D 235 -25.72 1.14 -12.43
C GLN D 235 -25.48 -0.30 -12.83
N VAL D 236 -25.52 -0.58 -14.14
CA VAL D 236 -25.30 -1.91 -14.68
C VAL D 236 -23.93 -1.93 -15.34
N ASP D 237 -23.10 -2.90 -14.95
CA ASP D 237 -21.76 -3.02 -15.49
C ASP D 237 -21.82 -3.50 -16.93
N ILE D 238 -21.18 -2.79 -17.84
CA ILE D 238 -20.97 -3.24 -19.21
C ILE D 238 -19.57 -3.79 -19.33
N PRO D 239 -19.38 -5.00 -19.83
CA PRO D 239 -18.04 -5.59 -19.86
C PRO D 239 -17.19 -4.98 -20.97
N MET D 240 -15.99 -4.53 -20.61
CA MET D 240 -15.04 -4.02 -21.58
C MET D 240 -14.48 -5.17 -22.40
N GLU D 241 -14.57 -5.05 -23.72
CA GLU D 241 -14.00 -6.07 -24.60
C GLU D 241 -12.49 -5.99 -24.55
N ASN D 242 -11.85 -7.09 -24.14
CA ASN D 242 -10.42 -7.07 -23.89
C ASN D 242 -9.71 -8.18 -24.66
N GLY D 243 -10.42 -9.27 -24.92
CA GLY D 243 -9.82 -10.41 -25.58
C GLY D 243 -9.76 -11.61 -24.66
N VAL D 244 -9.47 -11.36 -23.38
CA VAL D 244 -9.46 -12.42 -22.37
C VAL D 244 -10.64 -12.33 -21.42
N GLY D 245 -11.45 -11.27 -21.52
CA GLY D 245 -12.60 -11.12 -20.64
C GLY D 245 -12.32 -10.25 -19.45
N GLY D 246 -11.14 -10.41 -18.85
CA GLY D 246 -10.78 -9.61 -17.70
C GLY D 246 -10.53 -8.16 -18.08
N ASN D 247 -10.90 -7.24 -17.18
CA ASN D 247 -10.73 -5.82 -17.41
C ASN D 247 -9.38 -5.40 -16.85
N SER D 248 -8.36 -5.38 -17.71
CA SER D 248 -7.03 -4.97 -17.29
C SER D 248 -6.30 -4.45 -18.52
N ILE D 249 -5.90 -3.19 -18.47
CA ILE D 249 -5.30 -2.52 -19.62
C ILE D 249 -3.83 -2.23 -19.30
N PHE D 250 -3.07 -1.96 -20.36
CA PHE D 250 -1.67 -1.53 -20.26
C PHE D 250 -1.60 -0.18 -20.93
N LEU D 251 -1.63 0.88 -20.12
CA LEU D 251 -1.80 2.24 -20.63
C LEU D 251 -0.43 2.90 -20.78
N VAL D 252 0.05 2.94 -22.02
CA VAL D 252 1.23 3.73 -22.36
C VAL D 252 0.84 4.71 -23.45
N ALA D 253 0.43 4.19 -24.59
CA ALA D 253 -0.17 5.02 -25.61
C ALA D 253 -1.67 5.13 -25.34
N PRO D 254 -2.29 6.25 -25.73
CA PRO D 254 -3.74 6.36 -25.58
C PRO D 254 -4.48 5.35 -26.44
N LEU D 255 -5.14 4.39 -25.80
CA LEU D 255 -5.78 3.28 -26.48
C LEU D 255 -7.29 3.41 -26.40
N ILE D 256 -7.96 2.85 -27.40
CA ILE D 256 -9.40 2.98 -27.54
C ILE D 256 -10.05 1.85 -26.74
N ILE D 257 -10.67 2.20 -25.63
CA ILE D 257 -11.44 1.26 -24.82
C ILE D 257 -12.83 1.14 -25.42
N TYR D 258 -13.24 -0.07 -25.77
CA TYR D 258 -14.50 -0.27 -26.43
C TYR D 258 -15.25 -1.45 -25.82
N HIS D 259 -16.58 -1.34 -25.84
CA HIS D 259 -17.47 -2.38 -25.34
C HIS D 259 -18.36 -2.81 -26.49
N VAL D 260 -18.37 -4.11 -26.77
CA VAL D 260 -19.16 -4.64 -27.88
C VAL D 260 -20.61 -4.74 -27.45
N ILE D 261 -21.50 -4.09 -28.21
CA ILE D 261 -22.92 -4.08 -27.87
C ILE D 261 -23.48 -5.44 -28.30
N ASP D 262 -23.54 -6.37 -27.35
CA ASP D 262 -24.00 -7.73 -27.60
C ASP D 262 -25.45 -7.83 -27.15
N ALA D 263 -26.01 -9.05 -27.21
CA ALA D 263 -27.37 -9.27 -26.74
C ALA D 263 -27.49 -9.11 -25.23
N ASN D 264 -26.41 -9.33 -24.50
CA ASN D 264 -26.42 -9.17 -23.04
C ASN D 264 -26.07 -7.74 -22.62
N SER D 265 -25.98 -6.81 -23.56
CA SER D 265 -25.61 -5.47 -23.16
C SER D 265 -26.82 -4.58 -23.06
N PRO D 266 -26.88 -3.71 -22.04
CA PRO D 266 -28.04 -2.81 -21.89
C PRO D 266 -28.16 -1.76 -22.99
N LEU D 267 -27.14 -1.57 -23.82
CA LEU D 267 -27.25 -0.71 -24.99
C LEU D 267 -27.80 -1.45 -26.20
N TYR D 268 -28.24 -2.71 -26.02
CA TYR D 268 -28.68 -3.54 -27.12
C TYR D 268 -29.92 -3.00 -27.83
N ASP D 269 -30.66 -2.08 -27.20
CA ASP D 269 -31.79 -1.44 -27.83
C ASP D 269 -31.58 0.07 -27.98
N LEU D 270 -30.33 0.53 -27.94
CA LEU D 270 -30.04 1.95 -28.07
C LEU D 270 -30.11 2.35 -29.53
N ALA D 271 -30.81 3.45 -29.81
CA ALA D 271 -31.09 3.99 -31.13
C ALA D 271 -30.18 5.17 -31.43
N PRO D 272 -29.92 5.46 -32.72
CA PRO D 272 -29.15 6.67 -33.03
C PRO D 272 -29.92 7.95 -32.77
N SER D 273 -31.25 7.89 -32.76
CA SER D 273 -32.07 9.04 -32.41
C SER D 273 -32.29 9.17 -30.91
N ASP D 274 -31.93 8.16 -30.14
CA ASP D 274 -32.01 8.20 -28.69
C ASP D 274 -30.85 8.95 -28.06
N LEU D 275 -29.87 9.38 -28.85
CA LEU D 275 -28.72 10.08 -28.32
C LEU D 275 -28.92 11.60 -28.35
N HIS D 276 -30.04 12.05 -27.81
CA HIS D 276 -30.29 13.47 -27.62
C HIS D 276 -30.09 13.83 -26.15
N HIS D 277 -30.06 15.13 -25.88
CA HIS D 277 -30.09 15.55 -24.50
C HIS D 277 -31.47 15.30 -23.90
N HIS D 278 -31.55 15.40 -22.57
CA HIS D 278 -32.73 15.01 -21.80
C HIS D 278 -33.13 13.57 -22.10
N GLN D 279 -32.14 12.69 -22.11
CA GLN D 279 -32.34 11.26 -22.27
C GLN D 279 -31.72 10.55 -21.07
N ASP D 280 -32.52 9.74 -20.39
CA ASP D 280 -32.08 9.09 -19.15
C ASP D 280 -31.12 7.97 -19.51
N LEU D 281 -29.86 8.34 -19.71
CA LEU D 281 -28.79 7.40 -20.03
C LEU D 281 -27.48 8.10 -19.78
N GLU D 282 -26.58 7.47 -19.03
CA GLU D 282 -25.27 8.07 -18.78
C GLU D 282 -24.26 6.96 -18.55
N ILE D 283 -23.19 6.94 -19.32
CA ILE D 283 -22.18 5.90 -19.21
C ILE D 283 -20.98 6.46 -18.48
N ILE D 284 -20.70 5.93 -17.29
CA ILE D 284 -19.56 6.40 -16.50
C ILE D 284 -18.43 5.39 -16.66
N VAL D 285 -17.20 5.90 -16.62
CA VAL D 285 -16.00 5.09 -16.82
C VAL D 285 -15.11 5.32 -15.61
N ILE D 286 -14.61 4.22 -15.02
CA ILE D 286 -13.81 4.27 -13.81
C ILE D 286 -12.52 3.52 -14.10
N LEU D 287 -11.41 4.24 -14.20
CA LEU D 287 -10.10 3.65 -14.38
C LEU D 287 -9.35 3.71 -13.06
N GLU D 288 -8.95 2.56 -12.55
CA GLU D 288 -8.29 2.51 -11.25
C GLU D 288 -7.02 1.69 -11.34
N GLY D 289 -5.96 2.19 -10.71
CA GLY D 289 -4.69 1.50 -10.77
C GLY D 289 -3.81 1.92 -9.62
N VAL D 290 -2.54 1.55 -9.71
CA VAL D 290 -1.54 1.92 -8.73
C VAL D 290 -0.53 2.84 -9.38
N VAL D 291 -0.31 4.01 -8.79
CA VAL D 291 0.71 4.92 -9.30
C VAL D 291 2.09 4.33 -9.06
N GLU D 292 2.92 4.35 -10.09
CA GLU D 292 4.22 3.69 -9.99
C GLU D 292 5.16 4.44 -9.07
N THR D 293 5.09 5.77 -9.08
CA THR D 293 6.02 6.56 -8.26
C THR D 293 5.67 6.48 -6.78
N THR D 294 4.44 6.81 -6.41
CA THR D 294 4.06 6.87 -5.00
C THR D 294 3.70 5.50 -4.44
N GLY D 295 2.90 4.72 -5.17
CA GLY D 295 2.45 3.42 -4.70
C GLY D 295 1.05 3.40 -4.13
N ILE D 296 0.37 4.53 -4.07
CA ILE D 296 -0.99 4.62 -3.56
C ILE D 296 -1.96 4.41 -4.71
N THR D 297 -2.99 3.57 -4.47
CA THR D 297 -4.00 3.28 -5.46
C THR D 297 -4.79 4.53 -5.81
N THR D 298 -4.86 4.84 -7.10
CA THR D 298 -5.59 5.97 -7.62
C THR D 298 -6.78 5.51 -8.45
N GLN D 299 -7.70 6.44 -8.68
CA GLN D 299 -8.89 6.17 -9.47
C GLN D 299 -9.33 7.44 -10.16
N ALA D 300 -9.27 7.43 -11.49
CA ALA D 300 -9.87 8.47 -12.31
C ALA D 300 -11.24 8.01 -12.78
N ARG D 301 -12.11 8.97 -13.05
CA ARG D 301 -13.45 8.63 -13.51
C ARG D 301 -13.97 9.75 -14.39
N THR D 302 -14.82 9.36 -15.34
CA THR D 302 -15.44 10.32 -16.24
C THR D 302 -16.85 9.85 -16.56
N SER D 303 -17.56 10.65 -17.34
CA SER D 303 -18.95 10.38 -17.63
C SER D 303 -19.30 10.86 -19.03
N TYR D 304 -20.24 10.16 -19.65
CA TYR D 304 -20.72 10.50 -20.99
C TYR D 304 -22.23 10.52 -20.95
N LEU D 305 -22.81 11.69 -21.16
CA LEU D 305 -24.25 11.82 -21.29
C LEU D 305 -24.69 11.31 -22.66
N ALA D 306 -25.99 11.35 -22.91
CA ALA D 306 -26.50 10.84 -24.17
C ALA D 306 -26.18 11.74 -25.35
N ASP D 307 -25.86 13.02 -25.11
CA ASP D 307 -25.50 13.92 -26.19
C ASP D 307 -23.99 13.95 -26.45
N GLU D 308 -23.19 13.42 -25.53
CA GLU D 308 -21.75 13.31 -25.74
C GLU D 308 -21.36 11.99 -26.37
N ILE D 309 -22.32 11.21 -26.84
CA ILE D 309 -22.07 9.95 -27.53
C ILE D 309 -22.41 10.16 -29.00
N LEU D 310 -21.40 10.09 -29.85
CA LEU D 310 -21.55 10.39 -31.27
C LEU D 310 -21.79 9.10 -32.03
N TRP D 311 -23.02 8.91 -32.50
CA TRP D 311 -23.33 7.76 -33.33
C TRP D 311 -22.74 7.96 -34.72
N GLY D 312 -22.19 6.87 -35.26
CA GLY D 312 -21.67 6.93 -36.62
C GLY D 312 -20.38 7.68 -36.79
N GLN D 313 -19.49 7.64 -35.81
CA GLN D 313 -18.19 8.27 -35.91
C GLN D 313 -17.15 7.34 -35.31
N ARG D 314 -15.90 7.59 -35.64
CA ARG D 314 -14.81 6.82 -35.05
C ARG D 314 -13.59 7.72 -34.89
N PHE D 315 -12.70 7.31 -34.00
CA PHE D 315 -11.54 8.13 -33.68
C PHE D 315 -10.53 8.11 -34.81
N VAL D 316 -9.66 9.11 -34.83
CA VAL D 316 -8.59 9.17 -35.80
C VAL D 316 -7.34 8.55 -35.18
N PRO D 317 -6.52 7.85 -35.95
CA PRO D 317 -5.28 7.29 -35.40
C PRO D 317 -4.29 8.40 -35.12
N ILE D 318 -3.77 8.43 -33.90
CA ILE D 318 -2.83 9.48 -33.48
C ILE D 318 -1.44 8.95 -33.18
N VAL D 319 -1.24 7.64 -33.21
CA VAL D 319 0.08 7.06 -33.00
C VAL D 319 0.78 6.97 -34.33
N ALA D 320 2.03 7.43 -34.39
CA ALA D 320 2.81 7.38 -35.61
C ALA D 320 4.27 7.18 -35.27
N GLU D 321 4.96 6.40 -36.09
CA GLU D 321 6.39 6.16 -35.90
C GLU D 321 7.19 7.29 -36.53
N GLU D 322 8.08 7.90 -35.74
CA GLU D 322 9.06 8.83 -36.28
C GLU D 322 10.41 8.55 -35.67
N ASP D 323 11.45 8.57 -36.52
CA ASP D 323 12.87 8.40 -36.20
C ASP D 323 13.18 7.27 -35.22
N GLY D 324 12.45 6.16 -35.30
CA GLY D 324 12.70 5.02 -34.46
C GLY D 324 11.96 4.98 -33.15
N ARG D 325 11.08 5.95 -32.89
CA ARG D 325 10.24 5.95 -31.71
C ARG D 325 8.80 6.12 -32.15
N TYR D 326 7.88 5.90 -31.21
CA TYR D 326 6.48 6.16 -31.44
C TYR D 326 6.10 7.51 -30.85
N SER D 327 5.14 8.17 -31.48
CA SER D 327 4.73 9.50 -31.07
C SER D 327 3.23 9.61 -31.16
N VAL D 328 2.62 10.17 -30.13
CA VAL D 328 1.19 10.40 -30.09
C VAL D 328 0.93 11.90 -30.16
N ASP D 329 0.04 12.30 -31.06
CA ASP D 329 -0.33 13.69 -31.24
C ASP D 329 -1.52 13.96 -30.33
N TYR D 330 -1.25 14.43 -29.11
CA TYR D 330 -2.30 14.64 -28.13
C TYR D 330 -3.24 15.79 -28.48
N SER D 331 -2.89 16.60 -29.48
CA SER D 331 -3.84 17.58 -29.98
C SER D 331 -4.96 16.94 -30.78
N LYS D 332 -4.71 15.79 -31.40
CA LYS D 332 -5.72 15.04 -32.12
C LYS D 332 -6.45 14.03 -31.25
N PHE D 333 -6.49 14.26 -29.93
CA PHE D 333 -6.98 13.25 -28.99
C PHE D 333 -8.46 12.98 -29.17
N ASP D 334 -9.26 14.04 -29.26
CA ASP D 334 -10.72 13.89 -29.33
C ASP D 334 -11.27 14.14 -30.73
N ASN D 335 -10.41 14.14 -31.75
CA ASN D 335 -10.89 14.30 -33.10
C ASN D 335 -11.51 12.99 -33.59
N THR D 336 -12.61 13.12 -34.34
CA THR D 336 -13.32 11.96 -34.86
C THR D 336 -13.63 12.19 -36.33
N VAL D 337 -14.10 11.13 -36.98
CA VAL D 337 -14.47 11.17 -38.39
C VAL D 337 -15.78 10.42 -38.56
N LYS D 338 -16.71 11.02 -39.31
CA LYS D 338 -18.02 10.44 -39.56
C LYS D 338 -17.89 9.31 -40.58
N VAL D 339 -17.91 8.08 -40.09
CA VAL D 339 -17.87 6.90 -40.95
C VAL D 339 -19.28 6.35 -41.11
N PRO D 340 -19.60 5.67 -42.21
CA PRO D 340 -20.97 5.18 -42.38
C PRO D 340 -21.27 3.98 -41.50
N THR D 341 -22.25 4.15 -40.62
CA THR D 341 -22.79 3.07 -39.80
C THR D 341 -24.29 3.03 -40.09
N PRO D 342 -24.95 1.90 -39.85
CA PRO D 342 -26.41 1.89 -40.03
C PRO D 342 -27.09 2.70 -38.95
N LEU D 343 -28.22 3.31 -39.31
CA LEU D 343 -29.02 4.07 -38.37
C LEU D 343 -30.16 3.19 -37.84
N CYS D 344 -29.77 2.20 -37.05
CA CYS D 344 -30.72 1.29 -36.43
C CYS D 344 -30.08 0.73 -35.16
N THR D 345 -30.93 0.15 -34.30
CA THR D 345 -30.45 -0.38 -33.04
C THR D 345 -29.64 -1.65 -33.28
N ALA D 346 -28.91 -2.07 -32.25
CA ALA D 346 -28.13 -3.29 -32.35
C ALA D 346 -28.99 -4.53 -32.48
N ARG D 347 -30.23 -4.49 -31.99
CA ARG D 347 -31.12 -5.64 -32.14
C ARG D 347 -31.57 -5.80 -33.59
N GLN D 348 -32.09 -4.74 -34.20
CA GLN D 348 -32.49 -4.83 -35.60
C GLN D 348 -31.30 -4.68 -36.53
N LEU D 349 -30.08 -4.64 -36.00
CA LEU D 349 -28.90 -4.93 -36.79
C LEU D 349 -28.52 -6.41 -36.71
N ASP D 350 -28.63 -7.00 -35.52
CA ASP D 350 -28.38 -8.42 -35.34
C ASP D 350 -29.33 -9.26 -36.16
N GLU D 351 -30.61 -8.90 -36.17
CA GLU D 351 -31.57 -9.46 -37.10
C GLU D 351 -31.95 -8.40 -38.13
N ASP D 352 -31.51 -8.62 -39.37
CA ASP D 352 -31.56 -7.67 -40.49
C ASP D 352 -30.87 -6.36 -40.15
#